data_8TB1
#
_entry.id   8TB1
#
_entity_poly.entity_id   1
_entity_poly.type   'polypeptide(L)'
_entity_poly.pdbx_seq_one_letter_code
;GSHMMNEEQTQQYSQIVAKCWADAEFKAKLIADPKATLAAESIAVPDGIELRVLENTATVVNLVLPPPPAEGELSDEDLG
AVTGGLTVLPW
;
_entity_poly.pdbx_strand_id   A
#
# COMPACT_ATOMS: atom_id res chain seq x y z
N MET A 5 6.89 1.04 8.31
CA MET A 5 7.03 0.71 6.90
C MET A 5 8.29 -0.12 6.65
N ASN A 6 8.39 -1.26 7.34
CA ASN A 6 9.55 -2.12 7.23
C ASN A 6 9.36 -3.17 6.15
N GLU A 7 10.35 -4.03 5.99
CA GLU A 7 10.31 -5.07 4.96
C GLU A 7 9.05 -5.91 5.08
N GLU A 8 8.75 -6.35 6.30
CA GLU A 8 7.63 -7.26 6.52
C GLU A 8 6.31 -6.62 6.12
N GLN A 9 6.15 -5.35 6.46
CA GLN A 9 4.96 -4.60 6.06
C GLN A 9 4.91 -4.40 4.56
N THR A 10 6.07 -4.13 3.96
CA THR A 10 6.18 -3.97 2.51
C THR A 10 5.74 -5.24 1.78
N GLN A 11 6.12 -6.39 2.35
CA GLN A 11 5.72 -7.68 1.79
C GLN A 11 4.20 -7.82 1.77
N GLN A 12 3.56 -7.40 2.85
CA GLN A 12 2.10 -7.40 2.92
C GLN A 12 1.49 -6.49 1.87
N TYR A 13 2.12 -5.34 1.65
CA TYR A 13 1.69 -4.40 0.63
C TYR A 13 1.80 -5.01 -0.76
N SER A 14 2.88 -5.76 -0.98
CA SER A 14 3.09 -6.46 -2.24
C SER A 14 2.00 -7.50 -2.49
N GLN A 15 1.60 -8.18 -1.42
CA GLN A 15 0.55 -9.20 -1.50
C GLN A 15 -0.77 -8.59 -1.96
N ILE A 16 -1.06 -7.38 -1.49
CA ILE A 16 -2.30 -6.70 -1.84
C ILE A 16 -2.40 -6.47 -3.35
N VAL A 17 -1.36 -5.87 -3.91
CA VAL A 17 -1.33 -5.57 -5.34
C VAL A 17 -1.17 -6.83 -6.17
N ALA A 18 -0.52 -7.84 -5.58
CA ALA A 18 -0.41 -9.15 -6.21
C ALA A 18 -1.78 -9.79 -6.41
N LYS A 19 -2.67 -9.58 -5.44
CA LYS A 19 -4.05 -10.04 -5.55
C LYS A 19 -4.83 -9.23 -6.58
N CYS A 20 -4.54 -7.93 -6.63
CA CYS A 20 -5.38 -6.99 -7.38
C CYS A 20 -5.41 -7.33 -8.85
N TRP A 21 -4.23 -7.47 -9.45
CA TRP A 21 -4.12 -7.68 -10.89
C TRP A 21 -4.78 -8.98 -11.31
N ALA A 22 -4.82 -9.94 -10.40
CA ALA A 22 -5.41 -11.25 -10.69
C ALA A 22 -6.90 -11.26 -10.35
N ASP A 23 -7.28 -10.50 -9.34
CA ASP A 23 -8.66 -10.50 -8.85
C ASP A 23 -9.30 -9.14 -8.99
N ALA A 24 -10.03 -8.94 -10.08
CA ALA A 24 -10.55 -7.62 -10.42
C ALA A 24 -11.47 -7.08 -9.33
N GLU A 25 -12.23 -7.98 -8.71
CA GLU A 25 -13.14 -7.60 -7.64
C GLU A 25 -12.39 -7.05 -6.45
N PHE A 26 -11.34 -7.75 -6.03
CA PHE A 26 -10.50 -7.29 -4.94
C PHE A 26 -9.90 -5.91 -5.25
N LYS A 27 -9.38 -5.76 -6.46
CA LYS A 27 -8.82 -4.49 -6.90
C LYS A 27 -9.86 -3.37 -6.78
N ALA A 28 -11.06 -3.63 -7.28
CA ALA A 28 -12.14 -2.64 -7.23
C ALA A 28 -12.45 -2.24 -5.79
N LYS A 29 -12.44 -3.22 -4.89
CA LYS A 29 -12.71 -2.95 -3.48
C LYS A 29 -11.60 -2.13 -2.85
N LEU A 30 -10.35 -2.42 -3.23
CA LEU A 30 -9.21 -1.64 -2.77
C LEU A 30 -9.34 -0.18 -3.16
N ILE A 31 -9.72 0.07 -4.40
CA ILE A 31 -9.87 1.43 -4.91
C ILE A 31 -11.05 2.14 -4.27
N ALA A 32 -12.20 1.45 -4.24
CA ALA A 32 -13.42 2.02 -3.70
C ALA A 32 -13.30 2.29 -2.21
N ASP A 33 -12.69 1.35 -1.49
CA ASP A 33 -12.59 1.45 -0.04
C ASP A 33 -11.31 0.80 0.46
N PRO A 34 -10.19 1.51 0.33
CA PRO A 34 -8.88 0.95 0.64
C PRO A 34 -8.73 0.71 2.14
N LYS A 35 -9.53 1.41 2.93
CA LYS A 35 -9.48 1.29 4.38
C LYS A 35 -10.04 -0.05 4.84
N ALA A 36 -11.22 -0.41 4.34
CA ALA A 36 -11.82 -1.69 4.65
C ALA A 36 -10.95 -2.84 4.14
N THR A 37 -10.37 -2.66 2.96
CA THR A 37 -9.54 -3.69 2.35
C THR A 37 -8.30 -3.96 3.20
N LEU A 38 -7.63 -2.89 3.63
CA LEU A 38 -6.46 -3.01 4.49
C LEU A 38 -6.81 -3.65 5.82
N ALA A 39 -7.98 -3.29 6.35
CA ALA A 39 -8.48 -3.88 7.58
C ALA A 39 -8.63 -5.38 7.44
N ALA A 40 -9.15 -5.82 6.31
CA ALA A 40 -9.27 -7.25 6.01
C ALA A 40 -7.92 -7.94 6.02
N GLU A 41 -6.89 -7.19 5.62
CA GLU A 41 -5.53 -7.73 5.59
C GLU A 41 -4.85 -7.54 6.95
N SER A 42 -5.63 -7.15 7.96
CA SER A 42 -5.10 -6.91 9.29
C SER A 42 -4.04 -5.82 9.28
N ILE A 43 -4.26 -4.79 8.47
CA ILE A 43 -3.37 -3.64 8.44
C ILE A 43 -4.05 -2.39 8.98
N ALA A 44 -3.45 -1.78 9.99
CA ALA A 44 -4.01 -0.60 10.63
C ALA A 44 -4.08 0.57 9.65
N VAL A 45 -5.15 1.35 9.75
CA VAL A 45 -5.33 2.53 8.89
C VAL A 45 -5.69 3.75 9.72
N PRO A 46 -4.67 4.47 10.17
CA PRO A 46 -4.88 5.73 10.88
C PRO A 46 -5.67 6.72 10.04
N ASP A 47 -6.54 7.48 10.69
CA ASP A 47 -7.41 8.42 9.99
C ASP A 47 -6.64 9.67 9.58
N GLY A 48 -5.39 9.77 10.02
CA GLY A 48 -4.54 10.90 9.67
C GLY A 48 -3.74 10.60 8.40
N ILE A 49 -3.95 9.41 7.84
CA ILE A 49 -3.21 8.98 6.66
C ILE A 49 -4.13 8.88 5.45
N GLU A 50 -3.75 9.55 4.37
CA GLU A 50 -4.46 9.43 3.10
C GLU A 50 -3.96 8.24 2.30
N LEU A 51 -4.89 7.50 1.68
CA LEU A 51 -4.54 6.36 0.85
C LEU A 51 -4.80 6.66 -0.62
N ARG A 52 -3.87 6.23 -1.48
CA ARG A 52 -3.96 6.53 -2.90
C ARG A 52 -3.60 5.32 -3.75
N VAL A 53 -4.19 5.22 -4.93
CA VAL A 53 -3.78 4.24 -5.93
C VAL A 53 -3.23 4.92 -7.18
N LEU A 54 -2.06 4.48 -7.62
CA LEU A 54 -1.40 5.08 -8.76
C LEU A 54 -1.72 4.33 -10.06
N GLU A 55 -1.82 3.01 -9.96
CA GLU A 55 -1.98 2.17 -11.14
C GLU A 55 -2.90 0.99 -10.84
N ASN A 56 -3.79 0.70 -11.77
CA ASN A 56 -4.81 -0.33 -11.57
C ASN A 56 -5.03 -1.15 -12.83
N THR A 57 -3.93 -1.53 -13.48
CA THR A 57 -3.99 -2.25 -14.75
C THR A 57 -4.17 -3.75 -14.51
N ALA A 58 -4.30 -4.50 -15.60
CA ALA A 58 -4.52 -5.94 -15.51
C ALA A 58 -3.21 -6.68 -15.30
N THR A 59 -2.11 -5.94 -15.29
CA THR A 59 -0.79 -6.52 -15.10
C THR A 59 -0.09 -5.91 -13.89
N VAL A 60 -0.16 -4.58 -13.78
CA VAL A 60 0.59 -3.87 -12.76
C VAL A 60 -0.33 -3.01 -11.90
N VAL A 61 -0.22 -3.17 -10.58
CA VAL A 61 -1.00 -2.37 -9.65
C VAL A 61 -0.11 -1.72 -8.60
N ASN A 62 -0.33 -0.43 -8.35
CA ASN A 62 0.50 0.32 -7.42
C ASN A 62 -0.34 0.98 -6.34
N LEU A 63 -0.17 0.52 -5.10
CA LEU A 63 -0.92 1.07 -3.98
C LEU A 63 -0.01 1.86 -3.04
N VAL A 64 -0.41 3.08 -2.74
CA VAL A 64 0.39 3.98 -1.91
C VAL A 64 -0.09 3.98 -0.47
N LEU A 65 0.77 3.57 0.45
CA LEU A 65 0.43 3.51 1.86
C LEU A 65 1.44 4.26 2.71
N PRO A 66 1.21 5.56 2.91
CA PRO A 66 2.16 6.41 3.62
C PRO A 66 2.38 5.91 5.04
N PRO A 67 3.58 6.11 5.55
CA PRO A 67 3.92 5.72 6.92
C PRO A 67 2.93 6.32 7.92
N PRO A 68 2.58 5.54 8.93
CA PRO A 68 1.70 6.02 9.99
C PRO A 68 2.44 6.98 10.92
N PRO A 69 1.67 7.73 11.72
CA PRO A 69 2.25 8.64 12.70
C PRO A 69 3.17 7.91 13.66
N ALA A 70 2.95 6.60 13.80
CA ALA A 70 3.69 5.80 14.77
C ALA A 70 5.00 5.27 14.16
N GLU A 71 5.23 5.61 12.90
CA GLU A 71 6.39 5.10 12.18
C GLU A 71 7.69 5.39 12.93
N GLY A 72 8.50 4.35 13.11
CA GLY A 72 9.79 4.51 13.79
C GLY A 72 10.93 4.60 12.78
N GLU A 73 12.06 4.02 13.13
CA GLU A 73 13.25 4.08 12.28
C GLU A 73 13.36 2.85 11.39
N LEU A 74 13.83 3.05 10.17
CA LEU A 74 14.01 1.95 9.22
C LEU A 74 15.48 1.72 8.93
N SER A 75 15.82 0.47 8.63
CA SER A 75 17.16 0.13 8.18
C SER A 75 17.30 0.34 6.67
N ASP A 76 18.53 0.27 6.18
CA ASP A 76 18.79 0.32 4.74
C ASP A 76 18.08 -0.82 4.01
N GLU A 77 18.06 -1.98 4.65
CA GLU A 77 17.38 -3.15 4.08
C GLU A 77 15.88 -2.92 3.97
N ASP A 78 15.31 -2.25 4.97
CA ASP A 78 13.89 -1.93 4.96
C ASP A 78 13.56 -0.94 3.85
N LEU A 79 14.34 0.13 3.76
CA LEU A 79 14.11 1.17 2.75
C LEU A 79 14.28 0.61 1.35
N GLY A 80 15.23 -0.29 1.18
CA GLY A 80 15.46 -0.95 -0.10
C GLY A 80 14.24 -1.76 -0.51
N ALA A 81 13.62 -2.42 0.46
CA ALA A 81 12.43 -3.23 0.19
C ALA A 81 11.27 -2.37 -0.32
N VAL A 82 11.13 -1.18 0.26
CA VAL A 82 9.99 -0.33 -0.04
C VAL A 82 9.96 0.06 -1.52
N THR A 83 8.80 -0.11 -2.14
CA THR A 83 8.63 0.23 -3.55
C THR A 83 8.82 1.73 -3.77
N GLY A 84 9.80 2.08 -4.60
CA GLY A 84 10.20 3.48 -4.77
C GLY A 84 9.31 4.18 -5.79
N GLY A 85 8.37 3.44 -6.35
CA GLY A 85 7.44 4.00 -7.34
C GLY A 85 6.20 4.57 -6.67
N LEU A 86 6.17 4.52 -5.35
CA LEU A 86 5.03 5.01 -4.59
C LEU A 86 5.26 6.45 -4.11
N THR A 87 4.18 7.17 -3.86
CA THR A 87 4.26 8.53 -3.37
C THR A 87 4.12 8.58 -1.85
N VAL A 88 4.07 9.79 -1.31
CA VAL A 88 4.04 9.98 0.14
C VAL A 88 2.80 10.75 0.58
N LEU A 89 2.61 10.87 1.88
CA LEU A 89 1.47 11.58 2.43
C LEU A 89 1.45 13.03 1.94
N PRO A 90 0.35 13.41 1.30
CA PRO A 90 0.15 14.78 0.84
C PRO A 90 0.30 15.77 2.00
N TRP A 91 0.90 16.91 1.72
CA TRP A 91 1.05 17.98 2.71
C TRP A 91 0.49 19.29 2.21
N MET A 5 8.31 -6.36 11.91
CA MET A 5 7.40 -5.24 11.68
C MET A 5 7.42 -4.81 10.22
N ASN A 6 8.43 -4.05 9.86
CA ASN A 6 8.49 -3.43 8.53
C ASN A 6 8.54 -4.49 7.43
N GLU A 7 9.25 -5.58 7.70
CA GLU A 7 9.43 -6.63 6.71
C GLU A 7 8.09 -7.24 6.29
N GLU A 8 7.23 -7.48 7.28
CA GLU A 8 5.92 -8.06 7.02
C GLU A 8 5.02 -7.10 6.25
N GLN A 9 5.07 -5.82 6.64
CA GLN A 9 4.27 -4.79 5.99
C GLN A 9 4.68 -4.62 4.53
N THR A 10 5.98 -4.74 4.26
CA THR A 10 6.49 -4.73 2.89
C THR A 10 5.89 -5.86 2.07
N GLN A 11 5.88 -7.07 2.65
CA GLN A 11 5.32 -8.23 1.98
C GLN A 11 3.82 -8.07 1.74
N GLN A 12 3.13 -7.51 2.72
CA GLN A 12 1.70 -7.29 2.63
C GLN A 12 1.36 -6.38 1.44
N TYR A 13 2.12 -5.32 1.28
CA TYR A 13 1.95 -4.41 0.16
C TYR A 13 2.05 -5.16 -1.17
N SER A 14 3.10 -5.96 -1.32
CA SER A 14 3.32 -6.73 -2.53
C SER A 14 2.15 -7.66 -2.80
N GLN A 15 1.63 -8.28 -1.75
CA GLN A 15 0.49 -9.17 -1.87
C GLN A 15 -0.76 -8.42 -2.33
N ILE A 16 -0.96 -7.23 -1.77
CA ILE A 16 -2.11 -6.42 -2.14
C ILE A 16 -2.10 -6.07 -3.62
N VAL A 17 -0.94 -5.65 -4.12
CA VAL A 17 -0.78 -5.34 -5.53
C VAL A 17 -0.99 -6.58 -6.40
N ALA A 18 -0.40 -7.70 -5.98
CA ALA A 18 -0.54 -8.96 -6.70
C ALA A 18 -2.00 -9.39 -6.77
N LYS A 19 -2.71 -9.24 -5.66
CA LYS A 19 -4.11 -9.61 -5.59
C LYS A 19 -4.96 -8.76 -6.52
N CYS A 20 -4.60 -7.50 -6.65
CA CYS A 20 -5.32 -6.57 -7.52
C CYS A 20 -5.27 -7.04 -8.97
N TRP A 21 -4.10 -7.48 -9.41
CA TRP A 21 -3.93 -8.02 -10.75
C TRP A 21 -4.63 -9.37 -10.90
N ALA A 22 -4.39 -10.26 -9.95
CA ALA A 22 -4.91 -11.62 -10.02
C ALA A 22 -6.43 -11.61 -9.99
N ASP A 23 -7.01 -10.69 -9.22
CA ASP A 23 -8.45 -10.67 -8.99
C ASP A 23 -9.01 -9.26 -9.10
N ALA A 24 -9.72 -8.99 -10.18
CA ALA A 24 -10.25 -7.67 -10.44
C ALA A 24 -11.18 -7.21 -9.31
N GLU A 25 -11.84 -8.17 -8.67
CA GLU A 25 -12.80 -7.87 -7.62
C GLU A 25 -12.10 -7.25 -6.41
N PHE A 26 -10.99 -7.85 -6.01
CA PHE A 26 -10.17 -7.31 -4.93
C PHE A 26 -9.75 -5.88 -5.22
N LYS A 27 -9.25 -5.65 -6.43
CA LYS A 27 -8.84 -4.32 -6.85
C LYS A 27 -9.98 -3.33 -6.70
N ALA A 28 -11.16 -3.70 -7.21
CA ALA A 28 -12.32 -2.83 -7.15
C ALA A 28 -12.66 -2.47 -5.71
N LYS A 29 -12.55 -3.44 -4.82
CA LYS A 29 -12.83 -3.22 -3.40
C LYS A 29 -11.76 -2.32 -2.77
N LEU A 30 -10.50 -2.58 -3.13
CA LEU A 30 -9.39 -1.80 -2.60
C LEU A 30 -9.54 -0.32 -2.93
N ILE A 31 -9.99 -0.03 -4.16
CA ILE A 31 -10.17 1.33 -4.61
C ILE A 31 -11.43 1.95 -4.01
N ALA A 32 -12.51 1.17 -3.99
CA ALA A 32 -13.78 1.64 -3.47
C ALA A 32 -13.67 2.05 -2.01
N ASP A 33 -12.93 1.25 -1.23
CA ASP A 33 -12.74 1.53 0.19
C ASP A 33 -11.41 1.00 0.68
N PRO A 34 -10.35 1.77 0.43
CA PRO A 34 -9.00 1.36 0.80
C PRO A 34 -8.92 1.04 2.29
N LYS A 35 -9.67 1.77 3.10
CA LYS A 35 -9.60 1.63 4.54
C LYS A 35 -10.09 0.27 5.01
N ALA A 36 -11.31 -0.07 4.60
CA ALA A 36 -11.90 -1.36 4.98
C ALA A 36 -11.09 -2.52 4.45
N THR A 37 -10.59 -2.39 3.23
CA THR A 37 -9.87 -3.47 2.57
C THR A 37 -8.54 -3.75 3.27
N LEU A 38 -7.82 -2.69 3.60
CA LEU A 38 -6.56 -2.82 4.32
C LEU A 38 -6.76 -3.47 5.68
N ALA A 39 -7.84 -3.11 6.34
CA ALA A 39 -8.21 -3.73 7.62
C ALA A 39 -8.39 -5.23 7.47
N ALA A 40 -9.06 -5.64 6.39
CA ALA A 40 -9.22 -7.05 6.06
C ALA A 40 -7.86 -7.72 5.85
N GLU A 41 -6.91 -6.96 5.33
CA GLU A 41 -5.56 -7.47 5.08
C GLU A 41 -4.68 -7.31 6.31
N SER A 42 -5.31 -7.10 7.47
CA SER A 42 -4.59 -7.03 8.73
C SER A 42 -3.67 -5.81 8.75
N ILE A 43 -4.09 -4.73 8.11
CA ILE A 43 -3.38 -3.46 8.19
C ILE A 43 -4.26 -2.38 8.81
N ALA A 44 -3.96 -1.99 10.04
CA ALA A 44 -4.73 -0.99 10.75
C ALA A 44 -4.63 0.37 10.05
N VAL A 45 -5.76 1.07 9.96
CA VAL A 45 -5.79 2.39 9.37
C VAL A 45 -6.44 3.41 10.30
N PRO A 46 -5.60 4.15 11.02
CA PRO A 46 -6.07 5.19 11.91
C PRO A 46 -6.89 6.23 11.16
N ASP A 47 -7.85 6.85 11.84
CA ASP A 47 -8.72 7.83 11.24
C ASP A 47 -7.93 9.07 10.80
N GLY A 48 -6.72 9.20 11.34
CA GLY A 48 -5.88 10.36 11.05
C GLY A 48 -5.11 10.16 9.75
N ILE A 49 -5.34 9.03 9.10
CA ILE A 49 -4.64 8.70 7.86
C ILE A 49 -5.55 8.90 6.65
N GLU A 50 -5.07 9.65 5.68
CA GLU A 50 -5.80 9.85 4.43
C GLU A 50 -5.19 9.02 3.30
N LEU A 51 -5.75 7.84 3.07
CA LEU A 51 -5.18 6.89 2.13
C LEU A 51 -5.26 7.41 0.69
N ARG A 52 -4.17 7.25 -0.05
CA ARG A 52 -4.10 7.76 -1.42
C ARG A 52 -3.52 6.70 -2.37
N VAL A 53 -3.93 6.77 -3.62
CA VAL A 53 -3.35 5.91 -4.66
C VAL A 53 -2.58 6.73 -5.68
N LEU A 54 -1.33 6.35 -5.93
CA LEU A 54 -0.46 7.09 -6.82
C LEU A 54 -0.55 6.57 -8.24
N GLU A 55 -0.92 5.30 -8.38
CA GLU A 55 -1.03 4.66 -9.68
C GLU A 55 -2.09 3.58 -9.69
N ASN A 56 -2.86 3.51 -10.78
CA ASN A 56 -3.91 2.51 -10.92
C ASN A 56 -3.93 1.92 -12.32
N THR A 57 -3.29 0.77 -12.47
CA THR A 57 -3.21 0.12 -13.78
C THR A 57 -3.44 -1.39 -13.64
N ALA A 58 -3.15 -2.12 -14.71
CA ALA A 58 -3.49 -3.54 -14.79
C ALA A 58 -2.76 -4.35 -13.73
N THR A 59 -1.49 -4.03 -13.53
CA THR A 59 -0.61 -4.91 -12.75
C THR A 59 -0.18 -4.23 -11.45
N VAL A 60 -0.33 -2.91 -11.39
CA VAL A 60 0.15 -2.13 -10.27
C VAL A 60 -0.95 -1.22 -9.70
N VAL A 61 -1.15 -1.31 -8.40
CA VAL A 61 -2.00 -0.34 -7.70
C VAL A 61 -1.28 0.25 -6.49
N ASN A 62 -0.71 1.43 -6.66
CA ASN A 62 0.18 2.00 -5.65
C ASN A 62 -0.60 2.70 -4.55
N LEU A 63 -1.23 1.91 -3.68
CA LEU A 63 -1.91 2.45 -2.51
C LEU A 63 -0.93 2.74 -1.38
N VAL A 64 -0.93 3.98 -0.91
CA VAL A 64 -0.03 4.39 0.16
C VAL A 64 -0.53 3.90 1.51
N LEU A 65 0.29 3.08 2.17
CA LEU A 65 -0.09 2.48 3.44
C LEU A 65 0.25 3.41 4.60
N PRO A 66 -0.47 3.26 5.71
CA PRO A 66 -0.21 4.06 6.90
C PRO A 66 1.26 3.97 7.31
N PRO A 67 1.92 5.12 7.40
CA PRO A 67 3.32 5.17 7.79
C PRO A 67 3.48 5.01 9.29
N PRO A 68 4.72 4.74 9.72
CA PRO A 68 5.06 4.77 11.13
C PRO A 68 5.03 6.18 11.68
N PRO A 69 5.00 6.31 13.01
CA PRO A 69 5.02 7.61 13.66
C PRO A 69 6.32 8.35 13.37
N ALA A 70 6.22 9.66 13.19
CA ALA A 70 7.38 10.48 12.85
C ALA A 70 8.42 10.47 13.97
N GLU A 71 7.97 10.12 15.18
CA GLU A 71 8.84 10.13 16.35
C GLU A 71 9.61 8.83 16.49
N GLY A 72 9.34 7.89 15.58
CA GLY A 72 9.98 6.58 15.63
C GLY A 72 11.44 6.68 15.17
N GLU A 73 12.29 5.84 15.76
CA GLU A 73 13.71 5.82 15.40
C GLU A 73 13.95 4.99 14.15
N LEU A 74 13.44 5.49 13.02
CA LEU A 74 13.44 4.71 11.78
C LEU A 74 14.16 5.44 10.67
N SER A 75 14.75 4.69 9.74
CA SER A 75 15.43 5.26 8.59
C SER A 75 14.43 5.57 7.48
N ASP A 76 14.90 6.27 6.45
CA ASP A 76 14.11 6.51 5.24
C ASP A 76 13.72 5.20 4.58
N GLU A 77 14.62 4.23 4.61
CA GLU A 77 14.35 2.91 4.07
C GLU A 77 13.24 2.21 4.85
N ASP A 78 13.25 2.40 6.17
CA ASP A 78 12.21 1.83 7.03
C ASP A 78 10.85 2.44 6.74
N LEU A 79 10.84 3.72 6.41
CA LEU A 79 9.62 4.40 6.01
C LEU A 79 9.07 3.81 4.72
N GLY A 80 9.92 3.70 3.71
CA GLY A 80 9.51 3.13 2.42
C GLY A 80 9.02 1.70 2.59
N ALA A 81 9.64 0.97 3.52
CA ALA A 81 9.26 -0.41 3.77
C ALA A 81 7.80 -0.53 4.17
N VAL A 82 7.26 0.53 4.76
CA VAL A 82 5.90 0.52 5.27
C VAL A 82 4.91 1.04 4.24
N THR A 83 5.25 2.17 3.63
CA THR A 83 4.35 2.84 2.68
C THR A 83 4.13 1.99 1.44
N GLY A 84 5.12 1.16 1.11
CA GLY A 84 5.06 0.32 -0.08
C GLY A 84 6.08 0.75 -1.12
N GLY A 85 7.17 1.36 -0.65
CA GLY A 85 8.19 1.89 -1.54
C GLY A 85 7.75 3.22 -2.14
N LEU A 86 6.79 3.87 -1.49
CA LEU A 86 6.21 5.09 -2.02
C LEU A 86 6.61 6.31 -1.18
N THR A 87 6.86 7.43 -1.85
CA THR A 87 7.45 8.59 -1.20
C THR A 87 6.38 9.53 -0.66
N VAL A 88 5.14 9.33 -1.11
CA VAL A 88 4.02 10.17 -0.68
C VAL A 88 3.42 9.65 0.61
N LEU A 89 3.26 10.54 1.59
CA LEU A 89 2.67 10.18 2.87
C LEU A 89 1.24 10.70 2.96
N PRO A 90 0.38 9.93 3.63
CA PRO A 90 -1.03 10.26 3.73
C PRO A 90 -1.29 11.27 4.84
N TRP A 91 -0.55 12.38 4.81
CA TRP A 91 -0.62 13.37 5.88
C TRP A 91 -1.13 14.71 5.34
N MET A 5 6.35 -5.13 12.79
CA MET A 5 5.00 -4.59 12.67
C MET A 5 4.72 -4.09 11.26
N ASN A 6 5.21 -2.90 10.96
CA ASN A 6 4.94 -2.24 9.69
C ASN A 6 5.59 -2.99 8.54
N GLU A 7 6.71 -3.63 8.81
CA GLU A 7 7.44 -4.39 7.80
C GLU A 7 6.59 -5.52 7.24
N GLU A 8 6.00 -6.30 8.13
CA GLU A 8 5.14 -7.41 7.73
C GLU A 8 3.92 -6.91 6.97
N GLN A 9 3.36 -5.79 7.43
CA GLN A 9 2.21 -5.19 6.76
C GLN A 9 2.58 -4.68 5.37
N THR A 10 3.78 -4.14 5.24
CA THR A 10 4.30 -3.72 3.95
C THR A 10 4.42 -4.89 2.99
N GLN A 11 4.94 -6.01 3.49
CA GLN A 11 5.04 -7.23 2.70
C GLN A 11 3.68 -7.73 2.27
N GLN A 12 2.72 -7.70 3.21
CA GLN A 12 1.35 -8.08 2.90
C GLN A 12 0.77 -7.19 1.80
N TYR A 13 0.98 -5.88 1.92
CA TYR A 13 0.48 -4.94 0.93
C TYR A 13 0.92 -5.33 -0.48
N SER A 14 2.21 -5.55 -0.65
CA SER A 14 2.77 -5.90 -1.95
C SER A 14 2.10 -7.15 -2.51
N GLN A 15 1.84 -8.12 -1.65
CA GLN A 15 1.28 -9.40 -2.08
C GLN A 15 -0.15 -9.23 -2.57
N ILE A 16 -0.95 -8.50 -1.79
CA ILE A 16 -2.38 -8.38 -2.08
C ILE A 16 -2.62 -7.47 -3.27
N VAL A 17 -1.71 -6.53 -3.49
CA VAL A 17 -1.73 -5.72 -4.70
C VAL A 17 -1.43 -6.55 -5.94
N ALA A 18 -0.40 -7.37 -5.86
CA ALA A 18 -0.07 -8.30 -6.93
C ALA A 18 -1.24 -9.24 -7.22
N LYS A 19 -1.94 -9.64 -6.16
CA LYS A 19 -3.15 -10.44 -6.31
C LYS A 19 -4.22 -9.68 -7.07
N CYS A 20 -4.47 -8.45 -6.66
CA CYS A 20 -5.59 -7.67 -7.18
C CYS A 20 -5.41 -7.34 -8.65
N TRP A 21 -4.15 -7.36 -9.11
CA TRP A 21 -3.85 -7.16 -10.52
C TRP A 21 -4.49 -8.24 -11.38
N ALA A 22 -4.80 -9.38 -10.76
CA ALA A 22 -5.52 -10.46 -11.44
C ALA A 22 -6.96 -10.56 -10.95
N ASP A 23 -7.14 -10.37 -9.65
CA ASP A 23 -8.46 -10.51 -9.03
C ASP A 23 -9.25 -9.22 -9.10
N ALA A 24 -10.04 -9.07 -10.15
CA ALA A 24 -10.70 -7.80 -10.44
C ALA A 24 -11.64 -7.40 -9.32
N GLU A 25 -12.31 -8.38 -8.74
CA GLU A 25 -13.29 -8.13 -7.68
C GLU A 25 -12.61 -7.58 -6.43
N PHE A 26 -11.46 -8.14 -6.09
CA PHE A 26 -10.66 -7.64 -4.98
C PHE A 26 -10.08 -6.27 -5.28
N LYS A 27 -9.62 -6.09 -6.52
CA LYS A 27 -9.13 -4.80 -6.98
C LYS A 27 -10.15 -3.69 -6.71
N ALA A 28 -11.40 -3.96 -7.06
CA ALA A 28 -12.48 -3.01 -6.86
C ALA A 28 -12.61 -2.62 -5.39
N LYS A 29 -12.42 -3.59 -4.51
CA LYS A 29 -12.51 -3.35 -3.07
C LYS A 29 -11.38 -2.45 -2.60
N LEU A 30 -10.18 -2.69 -3.09
CA LEU A 30 -9.02 -1.88 -2.72
C LEU A 30 -9.19 -0.44 -3.18
N ILE A 31 -9.72 -0.26 -4.39
CA ILE A 31 -9.88 1.07 -4.96
C ILE A 31 -11.01 1.83 -4.29
N ALA A 32 -12.15 1.16 -4.12
CA ALA A 32 -13.34 1.79 -3.56
C ALA A 32 -13.08 2.30 -2.15
N ASP A 33 -12.39 1.49 -1.35
CA ASP A 33 -12.09 1.84 0.03
C ASP A 33 -10.83 1.15 0.51
N PRO A 34 -9.68 1.74 0.22
CA PRO A 34 -8.39 1.17 0.59
C PRO A 34 -8.36 0.83 2.08
N LYS A 35 -8.87 1.74 2.90
CA LYS A 35 -8.78 1.62 4.35
C LYS A 35 -9.47 0.35 4.84
N ALA A 36 -10.72 0.19 4.44
CA ALA A 36 -11.54 -0.95 4.89
C ALA A 36 -10.94 -2.26 4.41
N THR A 37 -10.54 -2.30 3.15
CA THR A 37 -10.02 -3.53 2.54
C THR A 37 -8.66 -3.90 3.12
N LEU A 38 -7.80 -2.90 3.26
CA LEU A 38 -6.47 -3.11 3.83
C LEU A 38 -6.57 -3.61 5.28
N ALA A 39 -7.51 -3.05 6.02
CA ALA A 39 -7.76 -3.50 7.39
C ALA A 39 -8.13 -4.97 7.44
N ALA A 40 -8.95 -5.40 6.48
CA ALA A 40 -9.31 -6.81 6.37
C ALA A 40 -8.08 -7.68 6.16
N GLU A 41 -7.08 -7.13 5.48
CA GLU A 41 -5.84 -7.85 5.22
C GLU A 41 -4.84 -7.65 6.36
N SER A 42 -5.34 -7.20 7.51
CA SER A 42 -4.50 -7.02 8.69
C SER A 42 -3.42 -5.98 8.44
N ILE A 43 -3.76 -4.95 7.67
CA ILE A 43 -2.88 -3.81 7.48
C ILE A 43 -3.44 -2.56 8.14
N ALA A 44 -2.64 -1.93 9.00
CA ALA A 44 -3.07 -0.74 9.72
C ALA A 44 -2.99 0.49 8.83
N VAL A 45 -4.09 1.24 8.78
CA VAL A 45 -4.16 2.44 7.95
C VAL A 45 -4.74 3.61 8.72
N PRO A 46 -3.89 4.26 9.53
CA PRO A 46 -4.28 5.47 10.25
C PRO A 46 -4.75 6.55 9.29
N ASP A 47 -5.64 7.41 9.76
CA ASP A 47 -6.20 8.46 8.93
C ASP A 47 -5.13 9.46 8.49
N GLY A 48 -3.96 9.37 9.12
CA GLY A 48 -2.86 10.27 8.81
C GLY A 48 -2.22 9.90 7.46
N ILE A 49 -2.61 8.75 6.93
CA ILE A 49 -2.09 8.31 5.64
C ILE A 49 -2.90 8.91 4.49
N GLU A 50 -2.19 9.47 3.51
CA GLU A 50 -2.84 10.02 2.32
C GLU A 50 -3.08 8.93 1.28
N LEU A 51 -4.31 8.44 1.22
CA LEU A 51 -4.65 7.31 0.36
C LEU A 51 -5.01 7.77 -1.05
N ARG A 52 -4.28 7.26 -2.04
CA ARG A 52 -4.47 7.67 -3.42
C ARG A 52 -4.54 6.47 -4.35
N VAL A 53 -5.25 6.63 -5.46
CA VAL A 53 -5.24 5.63 -6.53
C VAL A 53 -4.78 6.25 -7.84
N LEU A 54 -3.75 5.65 -8.45
CA LEU A 54 -3.22 6.12 -9.72
C LEU A 54 -3.71 5.25 -10.88
N GLU A 55 -2.99 5.30 -12.00
CA GLU A 55 -3.44 4.64 -13.22
C GLU A 55 -4.14 3.33 -12.92
N ASN A 56 -5.32 3.15 -13.49
CA ASN A 56 -6.13 1.96 -13.23
C ASN A 56 -6.71 1.39 -14.52
N THR A 57 -6.34 0.15 -14.83
CA THR A 57 -6.82 -0.50 -16.03
C THR A 57 -7.40 -1.88 -15.71
N ALA A 58 -7.64 -2.67 -16.75
CA ALA A 58 -8.35 -3.95 -16.60
C ALA A 58 -7.67 -4.83 -15.57
N THR A 59 -6.34 -4.77 -15.53
CA THR A 59 -5.56 -5.63 -14.64
C THR A 59 -4.82 -4.81 -13.59
N VAL A 60 -3.64 -4.33 -13.96
CA VAL A 60 -2.75 -3.67 -13.01
C VAL A 60 -3.32 -2.33 -12.55
N VAL A 61 -3.29 -2.10 -11.25
CA VAL A 61 -3.63 -0.78 -10.70
C VAL A 61 -2.50 -0.26 -9.83
N ASN A 62 -2.15 1.00 -10.02
CA ASN A 62 -1.09 1.64 -9.23
C ASN A 62 -1.65 2.24 -7.95
N LEU A 63 -1.80 1.40 -6.93
CA LEU A 63 -2.29 1.85 -5.63
C LEU A 63 -1.17 2.46 -4.80
N VAL A 64 -1.49 3.53 -4.08
CA VAL A 64 -0.50 4.22 -3.26
C VAL A 64 -0.91 4.23 -1.79
N LEU A 65 -0.05 3.67 -0.94
CA LEU A 65 -0.34 3.56 0.48
C LEU A 65 0.84 3.99 1.33
N PRO A 66 0.94 5.30 1.57
CA PRO A 66 2.03 5.84 2.36
C PRO A 66 2.11 5.19 3.74
N PRO A 67 3.31 5.16 4.30
CA PRO A 67 3.53 4.55 5.60
C PRO A 67 2.85 5.34 6.71
N PRO A 68 2.54 4.67 7.81
CA PRO A 68 1.89 5.31 8.94
C PRO A 68 2.85 6.24 9.68
N PRO A 69 2.30 7.18 10.44
CA PRO A 69 3.09 8.07 11.28
C PRO A 69 3.99 7.27 12.22
N ALA A 70 3.59 6.04 12.50
CA ALA A 70 4.35 5.16 13.39
C ALA A 70 5.75 4.91 12.86
N GLU A 71 5.89 4.91 11.54
CA GLU A 71 7.15 4.54 10.89
C GLU A 71 8.13 5.71 10.93
N GLY A 72 9.35 5.43 11.36
CA GLY A 72 10.37 6.47 11.51
C GLY A 72 11.41 6.40 10.40
N GLU A 73 12.65 6.72 10.74
CA GLU A 73 13.73 6.74 9.76
C GLU A 73 13.89 5.39 9.09
N LEU A 74 14.01 5.41 7.76
CA LEU A 74 14.12 4.17 6.99
C LEU A 74 15.56 3.85 6.66
N SER A 75 15.92 2.57 6.76
CA SER A 75 17.22 2.10 6.26
C SER A 75 17.17 1.84 4.77
N ASP A 76 18.32 1.54 4.19
CA ASP A 76 18.41 1.18 2.77
C ASP A 76 17.50 0.00 2.45
N GLU A 77 17.48 -0.97 3.34
CA GLU A 77 16.61 -2.14 3.16
C GLU A 77 15.14 -1.76 3.25
N ASP A 78 14.83 -0.82 4.13
CA ASP A 78 13.45 -0.37 4.32
C ASP A 78 12.98 0.49 3.15
N LEU A 79 13.87 1.35 2.67
CA LEU A 79 13.57 2.22 1.54
C LEU A 79 13.17 1.41 0.31
N GLY A 80 13.85 0.30 0.10
CA GLY A 80 13.47 -0.65 -0.94
C GLY A 80 12.03 -1.11 -0.75
N ALA A 81 11.72 -1.63 0.44
CA ALA A 81 10.40 -2.16 0.73
C ALA A 81 9.32 -1.08 0.57
N VAL A 82 9.66 0.14 0.97
CA VAL A 82 8.69 1.23 0.98
C VAL A 82 8.57 1.87 -0.40
N THR A 83 9.69 2.37 -0.91
CA THR A 83 9.67 3.26 -2.07
C THR A 83 9.46 2.47 -3.36
N GLY A 84 9.69 1.17 -3.30
CA GLY A 84 9.38 0.28 -4.41
C GLY A 84 8.08 -0.46 -4.19
N GLY A 85 7.41 -0.15 -3.08
CA GLY A 85 6.22 -0.88 -2.67
C GLY A 85 5.08 0.07 -2.30
N LEU A 86 5.18 0.67 -1.13
CA LEU A 86 4.09 1.48 -0.59
C LEU A 86 3.82 2.69 -1.46
N THR A 87 4.88 3.30 -1.97
CA THR A 87 4.78 4.53 -2.75
C THR A 87 4.95 4.25 -4.23
N VAL A 88 3.97 4.66 -5.03
CA VAL A 88 4.04 4.54 -6.48
C VAL A 88 3.87 5.89 -7.16
N LEU A 89 4.73 6.17 -8.13
CA LEU A 89 4.66 7.42 -8.87
C LEU A 89 4.02 7.21 -10.25
N PRO A 90 3.26 8.19 -10.71
CA PRO A 90 2.58 8.10 -11.99
C PRO A 90 3.54 8.34 -13.15
N TRP A 91 4.40 7.37 -13.40
CA TRP A 91 5.33 7.44 -14.51
C TRP A 91 4.63 7.22 -15.85
N MET A 5 5.21 -0.61 12.07
CA MET A 5 4.53 -1.75 11.47
C MET A 5 5.37 -3.02 11.60
N ASN A 6 4.69 -4.16 11.68
CA ASN A 6 5.37 -5.45 11.67
C ASN A 6 5.91 -5.77 10.28
N GLU A 7 7.00 -6.54 10.24
CA GLU A 7 7.53 -7.03 8.99
C GLU A 7 6.44 -7.63 8.11
N GLU A 8 5.55 -8.41 8.74
CA GLU A 8 4.46 -9.06 8.03
C GLU A 8 3.52 -8.04 7.39
N GLN A 9 3.22 -6.98 8.14
CA GLN A 9 2.31 -5.95 7.68
C GLN A 9 2.83 -5.25 6.44
N THR A 10 4.15 -5.10 6.37
CA THR A 10 4.80 -4.60 5.17
C THR A 10 4.62 -5.55 4.00
N GLN A 11 4.82 -6.84 4.26
CA GLN A 11 4.71 -7.86 3.22
C GLN A 11 3.31 -7.91 2.64
N GLN A 12 2.31 -7.64 3.47
CA GLN A 12 0.92 -7.68 3.04
C GLN A 12 0.68 -6.73 1.88
N TYR A 13 1.48 -5.67 1.81
CA TYR A 13 1.35 -4.68 0.75
C TYR A 13 1.52 -5.33 -0.62
N SER A 14 2.57 -6.13 -0.77
CA SER A 14 2.83 -6.82 -2.03
C SER A 14 1.73 -7.79 -2.38
N GLN A 15 1.06 -8.32 -1.36
CA GLN A 15 -0.08 -9.20 -1.56
C GLN A 15 -1.28 -8.43 -2.08
N ILE A 16 -1.49 -7.22 -1.55
CA ILE A 16 -2.53 -6.35 -2.05
C ILE A 16 -2.35 -6.05 -3.53
N VAL A 17 -1.11 -5.76 -3.93
CA VAL A 17 -0.79 -5.53 -5.33
C VAL A 17 -1.08 -6.77 -6.18
N ALA A 18 -0.60 -7.92 -5.70
CA ALA A 18 -0.76 -9.17 -6.42
C ALA A 18 -2.24 -9.51 -6.59
N LYS A 19 -3.01 -9.33 -5.53
CA LYS A 19 -4.43 -9.66 -5.54
C LYS A 19 -5.19 -8.79 -6.54
N CYS A 20 -4.79 -7.53 -6.65
CA CYS A 20 -5.41 -6.61 -7.59
C CYS A 20 -5.26 -7.10 -9.02
N TRP A 21 -4.07 -7.60 -9.35
CA TRP A 21 -3.82 -8.17 -10.67
C TRP A 21 -4.57 -9.49 -10.85
N ALA A 22 -4.44 -10.38 -9.88
CA ALA A 22 -5.02 -11.71 -9.98
C ALA A 22 -6.54 -11.64 -10.08
N ASP A 23 -7.13 -10.69 -9.36
CA ASP A 23 -8.59 -10.60 -9.25
C ASP A 23 -9.06 -9.16 -9.40
N ALA A 24 -9.69 -8.86 -10.52
CA ALA A 24 -10.16 -7.50 -10.80
C ALA A 24 -11.14 -7.03 -9.74
N GLU A 25 -11.85 -7.97 -9.13
CA GLU A 25 -12.86 -7.65 -8.13
C GLU A 25 -12.22 -7.09 -6.86
N PHE A 26 -11.10 -7.68 -6.46
CA PHE A 26 -10.32 -7.16 -5.35
C PHE A 26 -9.85 -5.74 -5.64
N LYS A 27 -9.35 -5.51 -6.84
CA LYS A 27 -8.93 -4.18 -7.26
C LYS A 27 -10.07 -3.17 -7.11
N ALA A 28 -11.27 -3.57 -7.52
CA ALA A 28 -12.45 -2.72 -7.39
C ALA A 28 -12.72 -2.39 -5.93
N LYS A 29 -12.55 -3.38 -5.05
CA LYS A 29 -12.76 -3.18 -3.63
C LYS A 29 -11.72 -2.23 -3.04
N LEU A 30 -10.49 -2.34 -3.52
CA LEU A 30 -9.40 -1.49 -3.04
C LEU A 30 -9.71 -0.02 -3.28
N ILE A 31 -10.10 0.31 -4.51
CA ILE A 31 -10.37 1.69 -4.88
C ILE A 31 -11.68 2.18 -4.28
N ALA A 32 -12.57 1.25 -3.98
CA ALA A 32 -13.83 1.58 -3.32
C ALA A 32 -13.62 1.92 -1.86
N ASP A 33 -12.82 1.11 -1.17
CA ASP A 33 -12.60 1.27 0.26
C ASP A 33 -11.25 0.70 0.68
N PRO A 34 -10.20 1.49 0.49
CA PRO A 34 -8.85 1.03 0.77
C PRO A 34 -8.61 0.83 2.26
N LYS A 35 -9.45 1.45 3.07
CA LYS A 35 -9.36 1.32 4.52
C LYS A 35 -9.83 -0.06 4.97
N ALA A 36 -10.99 -0.48 4.48
CA ALA A 36 -11.51 -1.81 4.76
C ALA A 36 -10.56 -2.89 4.24
N THR A 37 -9.96 -2.64 3.08
CA THR A 37 -9.01 -3.57 2.49
C THR A 37 -7.81 -3.78 3.42
N LEU A 38 -7.22 -2.68 3.88
CA LEU A 38 -6.08 -2.75 4.78
C LEU A 38 -6.45 -3.43 6.09
N ALA A 39 -7.66 -3.15 6.59
CA ALA A 39 -8.16 -3.78 7.79
C ALA A 39 -8.21 -5.30 7.64
N ALA A 40 -8.69 -5.75 6.48
CA ALA A 40 -8.72 -7.18 6.16
C ALA A 40 -7.31 -7.77 6.16
N GLU A 41 -6.34 -6.96 5.75
CA GLU A 41 -4.95 -7.40 5.66
C GLU A 41 -4.22 -7.17 6.97
N SER A 42 -4.98 -6.90 8.03
CA SER A 42 -4.40 -6.74 9.36
C SER A 42 -3.45 -5.55 9.41
N ILE A 43 -3.77 -4.50 8.66
CA ILE A 43 -3.04 -3.24 8.76
C ILE A 43 -3.92 -2.14 9.32
N ALA A 44 -3.60 -1.70 10.54
CA ALA A 44 -4.42 -0.72 11.24
C ALA A 44 -4.44 0.62 10.51
N VAL A 45 -5.62 1.23 10.43
CA VAL A 45 -5.76 2.54 9.82
C VAL A 45 -6.43 3.52 10.79
N PRO A 46 -5.64 4.43 11.35
CA PRO A 46 -6.16 5.46 12.24
C PRO A 46 -7.24 6.28 11.55
N ASP A 47 -8.26 6.67 12.30
CA ASP A 47 -9.39 7.41 11.74
C ASP A 47 -8.98 8.80 11.30
N GLY A 48 -7.84 9.27 11.81
CA GLY A 48 -7.38 10.63 11.55
C GLY A 48 -6.56 10.70 10.26
N ILE A 49 -6.42 9.55 9.60
CA ILE A 49 -5.60 9.46 8.40
C ILE A 49 -6.45 9.21 7.16
N GLU A 50 -6.24 10.04 6.13
CA GLU A 50 -6.87 9.81 4.84
C GLU A 50 -5.95 9.04 3.91
N LEU A 51 -6.44 7.92 3.38
CA LEU A 51 -5.66 7.09 2.48
C LEU A 51 -6.24 7.11 1.07
N ARG A 52 -5.37 7.07 0.07
CA ARG A 52 -5.79 7.01 -1.32
C ARG A 52 -5.01 5.96 -2.10
N VAL A 53 -5.59 5.46 -3.18
CA VAL A 53 -4.92 4.52 -4.05
C VAL A 53 -4.02 5.24 -5.06
N LEU A 54 -2.81 4.72 -5.25
CA LEU A 54 -1.84 5.35 -6.12
C LEU A 54 -1.90 4.75 -7.53
N GLU A 55 -0.89 5.05 -8.34
CA GLU A 55 -0.89 4.64 -9.74
C GLU A 55 -1.46 3.24 -9.91
N ASN A 56 -2.45 3.12 -10.79
CA ASN A 56 -3.19 1.88 -10.94
C ASN A 56 -3.02 1.29 -12.34
N THR A 57 -2.16 0.28 -12.45
CA THR A 57 -1.82 -0.30 -13.75
C THR A 57 -2.41 -1.70 -13.88
N ALA A 58 -2.16 -2.32 -15.04
CA ALA A 58 -2.72 -3.64 -15.33
C ALA A 58 -2.24 -4.68 -14.34
N THR A 59 -0.99 -4.55 -13.91
CA THR A 59 -0.32 -5.61 -13.15
C THR A 59 0.02 -5.13 -11.75
N VAL A 60 0.19 -3.82 -11.59
CA VAL A 60 0.59 -3.24 -10.32
C VAL A 60 -0.34 -2.10 -9.89
N VAL A 61 -0.90 -2.22 -8.70
CA VAL A 61 -1.73 -1.16 -8.15
C VAL A 61 -1.24 -0.74 -6.77
N ASN A 62 -0.68 0.46 -6.69
CA ASN A 62 -0.02 0.93 -5.47
C ASN A 62 -1.00 1.63 -4.54
N LEU A 63 -0.65 1.73 -3.27
CA LEU A 63 -1.56 2.21 -2.25
C LEU A 63 -0.83 3.01 -1.18
N VAL A 64 -1.44 4.10 -0.75
CA VAL A 64 -0.95 4.86 0.40
C VAL A 64 -1.26 4.13 1.72
N LEU A 65 -0.23 3.94 2.52
CA LEU A 65 -0.40 3.31 3.84
C LEU A 65 -0.36 4.35 4.95
N PRO A 66 -1.03 4.05 6.06
CA PRO A 66 -1.11 4.97 7.18
C PRO A 66 0.26 5.16 7.83
N PRO A 67 0.65 6.42 7.99
CA PRO A 67 1.98 6.75 8.48
C PRO A 67 2.18 6.26 9.90
N PRO A 68 1.23 6.55 10.77
CA PRO A 68 1.47 6.55 12.22
C PRO A 68 1.97 5.19 12.69
N PRO A 69 1.37 4.13 12.16
CA PRO A 69 1.74 2.77 12.54
C PRO A 69 3.20 2.50 12.23
N ALA A 70 3.77 3.29 11.33
CA ALA A 70 5.15 3.11 10.91
C ALA A 70 6.05 4.22 11.45
N GLU A 71 5.52 4.97 12.41
CA GLU A 71 6.23 6.13 12.94
C GLU A 71 7.46 5.72 13.73
N GLY A 72 8.61 5.69 13.06
CA GLY A 72 9.88 5.42 13.73
C GLY A 72 11.03 5.37 12.73
N GLU A 73 12.24 5.59 13.22
CA GLU A 73 13.41 5.66 12.36
C GLU A 73 13.81 4.28 11.87
N LEU A 74 14.36 4.22 10.64
CA LEU A 74 14.72 2.96 10.03
C LEU A 74 16.22 2.85 9.83
N SER A 75 16.76 1.65 10.03
CA SER A 75 18.14 1.37 9.67
C SER A 75 18.26 0.96 8.21
N ASP A 76 19.49 0.84 7.73
CA ASP A 76 19.74 0.36 6.37
C ASP A 76 19.14 -1.02 6.15
N GLU A 77 19.23 -1.87 7.18
CA GLU A 77 18.65 -3.20 7.11
C GLU A 77 17.13 -3.13 7.02
N ASP A 78 16.54 -2.13 7.67
CA ASP A 78 15.09 -1.95 7.64
C ASP A 78 14.64 -1.32 6.32
N LEU A 79 15.42 -0.35 5.84
CA LEU A 79 15.07 0.38 4.63
C LEU A 79 14.96 -0.55 3.43
N GLY A 80 15.82 -1.54 3.38
CA GLY A 80 15.85 -2.48 2.26
C GLY A 80 14.61 -3.36 2.23
N ALA A 81 13.85 -3.34 3.34
CA ALA A 81 12.67 -4.17 3.47
C ALA A 81 11.41 -3.37 3.17
N VAL A 82 11.57 -2.08 2.94
CA VAL A 82 10.43 -1.16 2.83
C VAL A 82 9.77 -1.28 1.46
N THR A 83 8.45 -1.38 1.46
CA THR A 83 7.68 -1.40 0.22
C THR A 83 7.02 -0.05 -0.04
N GLY A 84 6.38 0.08 -1.19
CA GLY A 84 5.68 1.30 -1.55
C GLY A 84 4.56 1.61 -0.55
N GLY A 85 4.21 2.88 -0.43
CA GLY A 85 3.13 3.29 0.44
C GLY A 85 3.65 3.66 1.83
N LEU A 86 4.88 3.28 2.11
CA LEU A 86 5.50 3.55 3.40
C LEU A 86 6.40 4.79 3.33
N THR A 87 6.63 5.41 4.49
CA THR A 87 7.53 6.56 4.56
C THR A 87 8.86 6.19 5.18
N VAL A 88 9.94 6.65 4.56
CA VAL A 88 11.29 6.37 5.05
C VAL A 88 11.97 7.64 5.57
N LEU A 89 11.27 8.76 5.46
CA LEU A 89 11.81 10.05 5.87
C LEU A 89 11.86 10.17 7.39
N PRO A 90 12.77 10.99 7.89
CA PRO A 90 12.87 11.26 9.32
C PRO A 90 11.52 11.66 9.91
N TRP A 91 11.24 11.16 11.11
CA TRP A 91 9.94 11.40 11.74
C TRP A 91 10.05 12.48 12.81
N MET A 5 8.06 2.12 8.79
CA MET A 5 7.44 1.06 8.00
C MET A 5 8.41 -0.08 7.77
N ASN A 6 8.01 -1.28 8.19
CA ASN A 6 8.90 -2.45 8.14
C ASN A 6 8.68 -3.25 6.86
N GLU A 7 9.51 -4.26 6.66
CA GLU A 7 9.43 -5.09 5.46
C GLU A 7 8.10 -5.81 5.38
N GLU A 8 7.59 -6.22 6.54
CA GLU A 8 6.37 -7.02 6.61
C GLU A 8 5.20 -6.29 5.98
N GLN A 9 5.12 -4.99 6.25
CA GLN A 9 4.09 -4.15 5.65
C GLN A 9 4.20 -4.11 4.14
N THR A 10 5.44 -4.01 3.65
CA THR A 10 5.71 -4.01 2.22
C THR A 10 5.27 -5.33 1.58
N GLN A 11 5.56 -6.42 2.26
CA GLN A 11 5.19 -7.75 1.78
C GLN A 11 3.67 -7.89 1.66
N GLN A 12 2.96 -7.32 2.63
CA GLN A 12 1.50 -7.32 2.61
C GLN A 12 0.97 -6.45 1.49
N TYR A 13 1.63 -5.31 1.25
CA TYR A 13 1.30 -4.44 0.13
C TYR A 13 1.51 -5.16 -1.20
N SER A 14 2.57 -5.95 -1.28
CA SER A 14 2.86 -6.75 -2.47
C SER A 14 1.74 -7.74 -2.75
N GLN A 15 1.21 -8.34 -1.67
CA GLN A 15 0.09 -9.26 -1.80
C GLN A 15 -1.16 -8.55 -2.31
N ILE A 16 -1.38 -7.33 -1.83
CA ILE A 16 -2.47 -6.51 -2.30
C ILE A 16 -2.36 -6.24 -3.81
N VAL A 17 -1.15 -5.92 -4.25
CA VAL A 17 -0.88 -5.73 -5.67
C VAL A 17 -1.17 -7.01 -6.45
N ALA A 18 -0.67 -8.13 -5.95
CA ALA A 18 -0.85 -9.42 -6.61
C ALA A 18 -2.32 -9.76 -6.73
N LYS A 19 -3.08 -9.50 -5.68
CA LYS A 19 -4.51 -9.79 -5.67
C LYS A 19 -5.26 -8.91 -6.66
N CYS A 20 -4.81 -7.66 -6.79
CA CYS A 20 -5.42 -6.74 -7.74
C CYS A 20 -5.27 -7.22 -9.16
N TRP A 21 -4.08 -7.72 -9.50
CA TRP A 21 -3.84 -8.30 -10.82
C TRP A 21 -4.63 -9.58 -11.02
N ALA A 22 -4.57 -10.46 -10.03
CA ALA A 22 -5.19 -11.78 -10.14
C ALA A 22 -6.70 -11.67 -10.26
N ASP A 23 -7.28 -10.72 -9.54
CA ASP A 23 -8.72 -10.62 -9.41
C ASP A 23 -9.19 -9.17 -9.51
N ALA A 24 -9.83 -8.84 -10.61
CA ALA A 24 -10.28 -7.46 -10.85
C ALA A 24 -11.25 -7.01 -9.76
N GLU A 25 -12.00 -7.95 -9.21
CA GLU A 25 -12.99 -7.63 -8.19
C GLU A 25 -12.33 -7.09 -6.93
N PHE A 26 -11.25 -7.73 -6.51
CA PHE A 26 -10.46 -7.27 -5.38
C PHE A 26 -9.97 -5.83 -5.61
N LYS A 27 -9.43 -5.57 -6.80
CA LYS A 27 -8.96 -4.25 -7.15
C LYS A 27 -10.06 -3.22 -6.98
N ALA A 28 -11.24 -3.53 -7.50
CA ALA A 28 -12.40 -2.63 -7.40
C ALA A 28 -12.74 -2.33 -5.95
N LYS A 29 -12.70 -3.37 -5.12
CA LYS A 29 -12.98 -3.22 -3.69
C LYS A 29 -11.90 -2.41 -3.00
N LEU A 30 -10.65 -2.63 -3.39
CA LEU A 30 -9.53 -1.86 -2.86
C LEU A 30 -9.72 -0.37 -3.13
N ILE A 31 -10.08 -0.05 -4.36
CA ILE A 31 -10.33 1.34 -4.74
C ILE A 31 -11.50 1.92 -3.96
N ALA A 32 -12.58 1.15 -3.83
CA ALA A 32 -13.78 1.61 -3.15
C ALA A 32 -13.50 1.95 -1.70
N ASP A 33 -12.71 1.10 -1.05
CA ASP A 33 -12.42 1.27 0.37
C ASP A 33 -11.03 0.75 0.72
N PRO A 34 -10.01 1.56 0.44
CA PRO A 34 -8.63 1.17 0.69
C PRO A 34 -8.42 0.80 2.15
N LYS A 35 -9.19 1.42 3.02
CA LYS A 35 -9.03 1.22 4.47
C LYS A 35 -9.46 -0.19 4.87
N ALA A 36 -10.53 -0.68 4.25
CA ALA A 36 -11.01 -2.02 4.51
C ALA A 36 -9.94 -3.07 4.22
N THR A 37 -9.18 -2.85 3.15
CA THR A 37 -8.09 -3.75 2.78
C THR A 37 -6.96 -3.68 3.80
N LEU A 38 -6.58 -2.46 4.19
CA LEU A 38 -5.52 -2.26 5.15
C LEU A 38 -5.83 -2.96 6.48
N ALA A 39 -7.09 -2.88 6.89
CA ALA A 39 -7.55 -3.61 8.07
C ALA A 39 -7.43 -5.11 7.88
N ALA A 40 -7.97 -5.60 6.76
CA ALA A 40 -7.99 -7.03 6.48
C ALA A 40 -6.58 -7.59 6.40
N GLU A 41 -5.66 -6.81 5.84
CA GLU A 41 -4.28 -7.25 5.65
C GLU A 41 -3.42 -6.90 6.86
N SER A 42 -4.04 -6.32 7.88
CA SER A 42 -3.34 -5.96 9.10
C SER A 42 -2.10 -5.12 8.79
N ILE A 43 -2.29 -4.06 8.02
CA ILE A 43 -1.21 -3.13 7.71
C ILE A 43 -1.35 -1.84 8.51
N ALA A 44 -0.32 -1.52 9.29
CA ALA A 44 -0.36 -0.32 10.14
C ALA A 44 0.00 0.92 9.34
N VAL A 45 -0.98 1.80 9.16
CA VAL A 45 -0.77 3.04 8.41
C VAL A 45 -1.14 4.25 9.25
N PRO A 46 -0.14 5.09 9.53
CA PRO A 46 -0.36 6.28 10.34
C PRO A 46 -1.48 7.16 9.77
N ASP A 47 -2.25 7.75 10.65
CA ASP A 47 -3.37 8.60 10.23
C ASP A 47 -2.90 9.73 9.34
N GLY A 48 -3.72 10.09 8.36
CA GLY A 48 -3.39 11.17 7.43
C GLY A 48 -2.86 10.63 6.11
N ILE A 49 -2.48 9.35 6.12
CA ILE A 49 -2.00 8.70 4.90
C ILE A 49 -3.11 7.91 4.22
N GLU A 50 -3.29 8.17 2.92
CA GLU A 50 -4.34 7.51 2.16
C GLU A 50 -3.74 6.56 1.13
N LEU A 51 -4.27 5.34 1.09
CA LEU A 51 -3.83 4.35 0.10
C LEU A 51 -4.59 4.50 -1.20
N ARG A 52 -3.86 4.60 -2.31
CA ARG A 52 -4.47 4.77 -3.62
C ARG A 52 -3.90 3.77 -4.62
N VAL A 53 -4.74 3.35 -5.57
CA VAL A 53 -4.32 2.41 -6.60
C VAL A 53 -3.81 3.14 -7.84
N LEU A 54 -2.67 2.70 -8.36
CA LEU A 54 -2.00 3.39 -9.46
C LEU A 54 -2.20 2.64 -10.77
N GLU A 55 -1.39 2.99 -11.77
CA GLU A 55 -1.58 2.46 -13.12
C GLU A 55 -1.69 0.94 -13.09
N ASN A 56 -2.69 0.42 -13.81
CA ASN A 56 -2.86 -1.03 -13.94
C ASN A 56 -2.55 -1.50 -15.35
N THR A 57 -1.52 -2.32 -15.47
CA THR A 57 -1.09 -2.83 -16.78
C THR A 57 -1.41 -4.30 -16.93
N ALA A 58 -1.06 -4.87 -18.09
CA ALA A 58 -1.39 -6.25 -18.40
C ALA A 58 -0.75 -7.20 -17.40
N THR A 59 0.44 -6.86 -16.92
CA THR A 59 1.26 -7.78 -16.15
C THR A 59 1.59 -7.21 -14.78
N VAL A 60 1.57 -5.89 -14.67
CA VAL A 60 2.05 -5.21 -13.48
C VAL A 60 1.01 -4.23 -12.94
N VAL A 61 0.78 -4.27 -11.63
CA VAL A 61 -0.05 -3.27 -10.96
C VAL A 61 0.76 -2.50 -9.93
N ASN A 62 0.66 -1.17 -9.97
CA ASN A 62 1.35 -0.32 -9.02
C ASN A 62 0.43 0.10 -7.88
N LEU A 63 1.03 0.37 -6.72
CA LEU A 63 0.26 0.71 -5.53
C LEU A 63 1.03 1.67 -4.62
N VAL A 64 0.35 2.71 -4.15
CA VAL A 64 0.99 3.72 -3.32
C VAL A 64 1.41 3.14 -1.98
N LEU A 65 2.65 3.43 -1.58
CA LEU A 65 3.12 3.07 -0.25
C LEU A 65 3.16 4.28 0.67
N PRO A 66 2.95 4.05 1.96
CA PRO A 66 3.05 5.12 2.96
C PRO A 66 4.35 5.89 2.80
N PRO A 67 4.24 7.22 2.81
CA PRO A 67 5.41 8.08 2.71
C PRO A 67 6.45 7.72 3.75
N PRO A 68 7.73 7.88 3.39
CA PRO A 68 8.82 7.64 4.32
C PRO A 68 8.95 8.76 5.34
N PRO A 69 9.63 8.48 6.44
CA PRO A 69 9.99 9.52 7.40
C PRO A 69 11.03 10.48 6.83
N ALA A 70 11.40 11.48 7.62
CA ALA A 70 12.35 12.49 7.18
C ALA A 70 13.58 11.86 6.55
N GLU A 71 13.98 12.35 5.39
CA GLU A 71 15.11 11.80 4.66
C GLU A 71 16.38 11.83 5.51
N GLY A 72 17.11 10.73 5.52
CA GLY A 72 18.36 10.64 6.26
C GLY A 72 18.13 10.00 7.63
N GLU A 73 16.87 9.94 8.05
CA GLU A 73 16.52 9.35 9.33
C GLU A 73 15.90 7.97 9.14
N LEU A 74 15.93 7.47 7.91
CA LEU A 74 15.33 6.18 7.59
C LEU A 74 16.18 5.03 8.14
N SER A 75 15.50 4.02 8.68
CA SER A 75 16.17 2.78 9.05
C SER A 75 16.39 1.89 7.83
N ASP A 76 17.19 0.84 7.99
CA ASP A 76 17.38 -0.15 6.94
C ASP A 76 16.04 -0.73 6.49
N GLU A 77 15.13 -0.91 7.43
CA GLU A 77 13.80 -1.41 7.13
C GLU A 77 13.02 -0.43 6.26
N ASP A 78 13.15 0.85 6.57
CA ASP A 78 12.41 1.89 5.84
C ASP A 78 12.98 2.11 4.46
N LEU A 79 14.30 2.00 4.34
CA LEU A 79 14.98 2.18 3.06
C LEU A 79 14.55 1.12 2.07
N GLY A 80 14.32 -0.09 2.55
CA GLY A 80 13.85 -1.19 1.71
C GLY A 80 12.33 -1.14 1.55
N ALA A 81 11.64 -0.89 2.66
CA ALA A 81 10.19 -1.05 2.71
C ALA A 81 9.50 -0.09 1.74
N VAL A 82 10.03 1.13 1.66
CA VAL A 82 9.40 2.18 0.85
C VAL A 82 10.29 2.58 -0.31
N THR A 83 9.73 2.60 -1.51
CA THR A 83 10.47 2.98 -2.71
C THR A 83 9.76 4.10 -3.46
N GLY A 84 10.46 4.71 -4.41
CA GLY A 84 9.88 5.73 -5.26
C GLY A 84 9.26 5.13 -6.51
N GLY A 85 8.79 5.98 -7.42
CA GLY A 85 8.18 5.53 -8.65
C GLY A 85 6.71 5.18 -8.45
N LEU A 86 6.25 5.30 -7.21
CA LEU A 86 4.89 4.94 -6.87
C LEU A 86 4.10 6.13 -6.36
N THR A 87 4.44 7.31 -6.87
CA THR A 87 3.82 8.56 -6.40
C THR A 87 3.80 8.63 -4.88
N VAL A 88 4.92 8.28 -4.27
CA VAL A 88 5.05 8.37 -2.82
C VAL A 88 5.96 9.52 -2.41
N LEU A 89 5.35 10.66 -2.08
CA LEU A 89 6.10 11.86 -1.77
C LEU A 89 7.04 11.64 -0.59
N PRO A 90 8.24 12.21 -0.67
CA PRO A 90 8.54 13.22 -1.69
C PRO A 90 9.21 12.57 -2.90
N TRP A 91 9.04 11.25 -3.04
CA TRP A 91 9.79 10.48 -4.02
C TRP A 91 8.95 10.22 -5.26
N MET A 5 11.17 -3.37 10.85
CA MET A 5 10.13 -4.35 10.49
C MET A 5 9.27 -3.83 9.34
N ASN A 6 9.28 -2.51 9.15
CA ASN A 6 8.55 -1.90 8.05
C ASN A 6 8.98 -2.47 6.70
N GLU A 7 10.25 -2.88 6.63
CA GLU A 7 10.81 -3.40 5.38
C GLU A 7 10.21 -4.75 5.02
N GLU A 8 9.49 -5.34 5.96
CA GLU A 8 8.76 -6.58 5.70
C GLU A 8 7.28 -6.30 5.42
N GLN A 9 6.74 -5.26 6.05
CA GLN A 9 5.35 -4.91 5.88
C GLN A 9 5.04 -4.47 4.45
N THR A 10 5.97 -3.72 3.87
CA THR A 10 5.81 -3.21 2.51
C THR A 10 5.78 -4.34 1.50
N GLN A 11 6.45 -5.44 1.84
CA GLN A 11 6.41 -6.65 1.01
C GLN A 11 5.05 -7.32 1.10
N GLN A 12 4.51 -7.41 2.31
CA GLN A 12 3.17 -7.94 2.52
C GLN A 12 2.13 -7.13 1.77
N TYR A 13 2.22 -5.80 1.90
CA TYR A 13 1.27 -4.91 1.25
C TYR A 13 1.33 -5.07 -0.27
N SER A 14 2.55 -5.20 -0.80
CA SER A 14 2.73 -5.39 -2.23
C SER A 14 2.08 -6.68 -2.70
N GLN A 15 2.23 -7.74 -1.91
CA GLN A 15 1.61 -9.03 -2.22
C GLN A 15 0.10 -8.93 -2.20
N ILE A 16 -0.43 -8.18 -1.25
CA ILE A 16 -1.88 -7.97 -1.15
C ILE A 16 -2.41 -7.26 -2.39
N VAL A 17 -1.69 -6.25 -2.85
CA VAL A 17 -2.05 -5.53 -4.06
C VAL A 17 -2.11 -6.48 -5.26
N ALA A 18 -1.09 -7.32 -5.39
CA ALA A 18 -1.03 -8.30 -6.46
C ALA A 18 -2.22 -9.26 -6.39
N LYS A 19 -2.52 -9.73 -5.18
CA LYS A 19 -3.68 -10.57 -4.96
C LYS A 19 -4.97 -9.86 -5.34
N CYS A 20 -5.11 -8.62 -4.87
CA CYS A 20 -6.32 -7.84 -5.14
C CYS A 20 -6.49 -7.58 -6.62
N TRP A 21 -5.37 -7.34 -7.31
CA TRP A 21 -5.40 -7.14 -8.76
C TRP A 21 -5.95 -8.36 -9.47
N ALA A 22 -5.49 -9.54 -9.08
CA ALA A 22 -5.90 -10.78 -9.73
C ALA A 22 -7.41 -10.98 -9.67
N ASP A 23 -8.00 -10.59 -8.54
CA ASP A 23 -9.44 -10.69 -8.37
C ASP A 23 -10.12 -9.35 -8.63
N ALA A 24 -10.88 -9.27 -9.70
CA ALA A 24 -11.43 -8.01 -10.18
C ALA A 24 -12.21 -7.29 -9.09
N GLU A 25 -12.83 -8.08 -8.21
CA GLU A 25 -13.64 -7.53 -7.13
C GLU A 25 -12.78 -6.78 -6.11
N PHE A 26 -11.69 -7.41 -5.70
CA PHE A 26 -10.80 -6.82 -4.70
C PHE A 26 -9.99 -5.67 -5.30
N LYS A 27 -9.74 -5.75 -6.60
CA LYS A 27 -9.07 -4.67 -7.31
C LYS A 27 -9.86 -3.37 -7.21
N ALA A 28 -11.16 -3.45 -7.49
CA ALA A 28 -12.04 -2.30 -7.38
C ALA A 28 -12.07 -1.76 -5.95
N LYS A 29 -12.12 -2.67 -4.98
CA LYS A 29 -12.16 -2.29 -3.58
C LYS A 29 -10.83 -1.69 -3.14
N LEU A 30 -9.74 -2.27 -3.63
CA LEU A 30 -8.40 -1.77 -3.32
C LEU A 30 -8.28 -0.27 -3.63
N ILE A 31 -8.81 0.12 -4.79
CA ILE A 31 -8.76 1.52 -5.22
C ILE A 31 -9.80 2.35 -4.50
N ALA A 32 -11.03 1.86 -4.48
CA ALA A 32 -12.15 2.62 -3.90
C ALA A 32 -11.93 2.87 -2.42
N ASP A 33 -11.43 1.86 -1.72
CA ASP A 33 -11.24 1.95 -0.27
C ASP A 33 -10.08 1.07 0.19
N PRO A 34 -8.87 1.59 0.08
CA PRO A 34 -7.68 0.82 0.42
C PRO A 34 -7.76 0.25 1.83
N LYS A 35 -8.41 0.99 2.72
CA LYS A 35 -8.48 0.61 4.12
C LYS A 35 -9.37 -0.60 4.33
N ALA A 36 -10.57 -0.55 3.77
CA ALA A 36 -11.51 -1.65 3.86
C ALA A 36 -10.94 -2.92 3.24
N THR A 37 -10.18 -2.76 2.16
CA THR A 37 -9.56 -3.89 1.48
C THR A 37 -8.55 -4.58 2.38
N LEU A 38 -7.68 -3.79 3.01
CA LEU A 38 -6.70 -4.32 3.95
C LEU A 38 -7.39 -4.98 5.15
N ALA A 39 -8.47 -4.36 5.61
CA ALA A 39 -9.26 -4.92 6.70
C ALA A 39 -9.84 -6.28 6.31
N ALA A 40 -10.28 -6.40 5.06
CA ALA A 40 -10.81 -7.66 4.55
C ALA A 40 -9.75 -8.76 4.61
N GLU A 41 -8.49 -8.37 4.43
CA GLU A 41 -7.39 -9.32 4.50
C GLU A 41 -6.88 -9.48 5.93
N SER A 42 -7.66 -8.97 6.89
CA SER A 42 -7.30 -9.07 8.30
C SER A 42 -5.99 -8.36 8.58
N ILE A 43 -5.77 -7.24 7.88
CA ILE A 43 -4.58 -6.42 8.12
C ILE A 43 -4.97 -5.11 8.80
N ALA A 44 -4.33 -4.81 9.93
CA ALA A 44 -4.60 -3.59 10.68
C ALA A 44 -4.25 -2.35 9.85
N VAL A 45 -5.08 -1.32 9.95
CA VAL A 45 -4.81 -0.06 9.30
C VAL A 45 -4.89 1.11 10.27
N PRO A 46 -3.75 1.50 10.82
CA PRO A 46 -3.70 2.64 11.75
C PRO A 46 -4.29 3.89 11.12
N ASP A 47 -5.04 4.64 11.91
CA ASP A 47 -5.70 5.85 11.42
C ASP A 47 -4.71 6.99 11.30
N GLY A 48 -3.48 6.77 11.75
CA GLY A 48 -2.43 7.76 11.62
C GLY A 48 -1.73 7.66 10.27
N ILE A 49 -2.16 6.68 9.48
CA ILE A 49 -1.57 6.47 8.16
C ILE A 49 -2.58 6.72 7.05
N GLU A 50 -2.31 7.73 6.23
CA GLU A 50 -3.21 8.10 5.14
C GLU A 50 -2.95 7.25 3.90
N LEU A 51 -4.00 6.66 3.35
CA LEU A 51 -3.87 5.80 2.18
C LEU A 51 -4.38 6.49 0.92
N ARG A 52 -3.59 6.45 -0.14
CA ARG A 52 -3.95 7.06 -1.40
C ARG A 52 -3.69 6.12 -2.57
N VAL A 53 -4.27 6.44 -3.73
CA VAL A 53 -4.02 5.68 -4.94
C VAL A 53 -3.28 6.50 -5.97
N LEU A 54 -2.25 5.91 -6.57
CA LEU A 54 -1.44 6.60 -7.57
C LEU A 54 -1.93 6.27 -8.99
N GLU A 55 -1.92 4.99 -9.32
CA GLU A 55 -2.13 4.55 -10.69
C GLU A 55 -3.00 3.31 -10.74
N ASN A 56 -3.79 3.19 -11.81
CA ASN A 56 -4.52 1.95 -12.08
C ASN A 56 -4.23 1.44 -13.49
N THR A 57 -3.30 0.49 -13.59
CA THR A 57 -2.86 -0.01 -14.88
C THR A 57 -3.38 -1.41 -15.15
N ALA A 58 -3.03 -1.96 -16.31
CA ALA A 58 -3.52 -3.27 -16.71
C ALA A 58 -3.06 -4.35 -15.72
N THR A 59 -1.86 -4.19 -15.19
CA THR A 59 -1.19 -5.27 -14.47
C THR A 59 -0.94 -4.88 -13.02
N VAL A 60 -0.83 -3.58 -12.76
CA VAL A 60 -0.40 -3.10 -11.46
C VAL A 60 -1.29 -1.95 -10.99
N VAL A 61 -1.66 -2.00 -9.71
CA VAL A 61 -2.27 -0.84 -9.05
C VAL A 61 -1.34 -0.27 -7.98
N ASN A 62 -0.99 0.99 -8.14
CA ASN A 62 0.00 1.63 -7.26
C ASN A 62 -0.68 2.49 -6.20
N LEU A 63 -0.31 2.28 -4.94
CA LEU A 63 -0.93 2.99 -3.83
C LEU A 63 0.13 3.61 -2.92
N VAL A 64 -0.30 4.52 -2.06
CA VAL A 64 0.59 5.13 -1.08
C VAL A 64 0.23 4.71 0.34
N LEU A 65 1.20 4.13 1.05
CA LEU A 65 0.99 3.69 2.42
C LEU A 65 2.19 3.98 3.28
N PRO A 66 2.21 5.17 3.88
CA PRO A 66 3.33 5.57 4.73
C PRO A 66 3.58 4.55 5.83
N PRO A 67 4.80 4.03 5.87
CA PRO A 67 5.17 3.03 6.88
C PRO A 67 4.91 3.56 8.28
N PRO A 68 4.44 2.67 9.16
CA PRO A 68 4.20 3.04 10.55
C PRO A 68 5.45 3.64 11.19
N PRO A 69 5.25 4.71 11.95
CA PRO A 69 6.34 5.36 12.67
C PRO A 69 6.78 4.53 13.87
N ALA A 70 8.04 4.70 14.27
CA ALA A 70 8.53 4.10 15.50
C ALA A 70 9.81 4.78 15.97
N GLU A 71 10.05 4.73 17.28
CA GLU A 71 11.35 5.09 17.83
C GLU A 71 12.44 4.15 17.32
N GLY A 72 13.52 4.73 16.81
CA GLY A 72 14.65 3.96 16.30
C GLY A 72 14.40 3.48 14.88
N GLU A 73 13.34 3.99 14.27
CA GLU A 73 13.00 3.63 12.90
C GLU A 73 14.18 3.82 11.97
N LEU A 74 14.45 2.79 11.16
CA LEU A 74 15.59 2.82 10.25
C LEU A 74 15.19 3.34 8.88
N SER A 75 16.19 3.69 8.07
CA SER A 75 15.94 4.19 6.72
C SER A 75 15.11 3.21 5.92
N ASP A 76 14.21 3.74 5.10
CA ASP A 76 13.32 2.92 4.28
C ASP A 76 14.01 2.48 2.99
N GLU A 77 14.27 1.19 2.88
CA GLU A 77 14.99 0.66 1.72
C GLU A 77 14.20 0.88 0.44
N ASP A 78 12.88 0.99 0.58
CA ASP A 78 12.00 1.09 -0.58
C ASP A 78 12.05 2.48 -1.19
N LEU A 79 12.83 3.36 -0.58
CA LEU A 79 13.07 4.69 -1.15
C LEU A 79 13.61 4.58 -2.57
N GLY A 80 14.35 3.52 -2.84
CA GLY A 80 14.98 3.33 -4.15
C GLY A 80 14.06 2.57 -5.10
N ALA A 81 12.82 2.36 -4.68
CA ALA A 81 11.85 1.62 -5.48
C ALA A 81 11.23 2.51 -6.55
N VAL A 82 10.39 1.91 -7.39
CA VAL A 82 9.72 2.64 -8.45
C VAL A 82 8.88 3.78 -7.90
N THR A 83 9.06 4.97 -8.47
CA THR A 83 8.41 6.17 -7.96
C THR A 83 6.89 6.00 -7.93
N GLY A 84 6.34 5.49 -9.03
CA GLY A 84 4.93 5.15 -9.09
C GLY A 84 4.07 6.38 -9.29
N GLY A 85 4.71 7.52 -9.50
CA GLY A 85 4.01 8.79 -9.65
C GLY A 85 3.92 9.53 -8.33
N LEU A 86 4.52 8.96 -7.29
CA LEU A 86 4.54 9.58 -5.98
C LEU A 86 5.75 10.48 -5.80
N THR A 87 5.50 11.77 -5.60
CA THR A 87 6.56 12.76 -5.55
C THR A 87 7.07 12.95 -4.12
N VAL A 88 6.36 12.36 -3.17
CA VAL A 88 6.75 12.44 -1.76
C VAL A 88 7.27 11.11 -1.25
N LEU A 89 8.59 10.98 -1.21
CA LEU A 89 9.23 9.72 -0.83
C LEU A 89 10.08 9.89 0.43
N PRO A 90 10.23 8.81 1.18
CA PRO A 90 9.50 7.57 0.91
C PRO A 90 8.07 7.66 1.38
N TRP A 91 7.38 6.53 1.38
CA TRP A 91 5.93 6.51 1.59
C TRP A 91 5.27 5.38 0.80
N MET A 5 8.16 1.72 6.53
CA MET A 5 7.61 0.40 6.86
C MET A 5 8.71 -0.66 6.86
N ASN A 6 8.51 -1.70 7.66
CA ASN A 6 9.53 -2.74 7.82
C ASN A 6 9.35 -3.85 6.79
N GLU A 7 10.18 -4.88 6.90
CA GLU A 7 10.17 -5.97 5.92
C GLU A 7 8.77 -6.57 5.77
N GLU A 8 8.18 -6.95 6.90
CA GLU A 8 6.90 -7.64 6.89
C GLU A 8 5.80 -6.76 6.29
N GLN A 9 5.83 -5.49 6.65
CA GLN A 9 4.84 -4.53 6.13
C GLN A 9 4.99 -4.35 4.62
N THR A 10 6.24 -4.30 4.17
CA THR A 10 6.53 -4.18 2.74
C THR A 10 5.97 -5.36 1.96
N GLN A 11 6.13 -6.57 2.52
CA GLN A 11 5.60 -7.77 1.90
C GLN A 11 4.08 -7.72 1.79
N GLN A 12 3.44 -7.27 2.86
CA GLN A 12 1.98 -7.16 2.88
C GLN A 12 1.48 -6.21 1.81
N TYR A 13 2.19 -5.10 1.62
CA TYR A 13 1.83 -4.13 0.60
C TYR A 13 2.02 -4.69 -0.80
N SER A 14 3.07 -5.49 -0.97
CA SER A 14 3.34 -6.14 -2.24
C SER A 14 2.23 -7.12 -2.60
N GLN A 15 1.69 -7.81 -1.60
CA GLN A 15 0.68 -8.83 -1.81
C GLN A 15 -0.57 -8.23 -2.43
N ILE A 16 -1.01 -7.10 -1.89
CA ILE A 16 -2.26 -6.47 -2.30
C ILE A 16 -2.12 -5.83 -3.68
N VAL A 17 -0.89 -5.46 -4.02
CA VAL A 17 -0.57 -5.03 -5.38
C VAL A 17 -0.75 -6.18 -6.37
N ALA A 18 -0.26 -7.36 -6.00
CA ALA A 18 -0.42 -8.55 -6.82
C ALA A 18 -1.89 -8.93 -6.96
N LYS A 19 -2.61 -8.91 -5.84
CA LYS A 19 -4.02 -9.28 -5.82
C LYS A 19 -4.84 -8.31 -6.66
N CYS A 20 -4.40 -7.07 -6.73
CA CYS A 20 -5.14 -6.02 -7.43
C CYS A 20 -5.51 -6.45 -8.83
N TRP A 21 -4.51 -6.87 -9.61
CA TRP A 21 -4.70 -7.21 -11.00
C TRP A 21 -5.10 -8.68 -11.16
N ALA A 22 -4.79 -9.48 -10.15
CA ALA A 22 -5.03 -10.91 -10.21
C ALA A 22 -6.49 -11.24 -9.91
N ASP A 23 -7.08 -10.48 -9.00
CA ASP A 23 -8.43 -10.77 -8.53
C ASP A 23 -9.36 -9.59 -8.80
N ALA A 24 -10.31 -9.79 -9.72
CA ALA A 24 -11.19 -8.71 -10.15
C ALA A 24 -11.98 -8.14 -8.97
N GLU A 25 -12.29 -9.00 -8.00
CA GLU A 25 -13.07 -8.59 -6.84
C GLU A 25 -12.23 -7.73 -5.90
N PHE A 26 -11.01 -8.17 -5.62
CA PHE A 26 -10.08 -7.40 -4.80
C PHE A 26 -9.80 -6.04 -5.42
N LYS A 27 -9.66 -6.02 -6.75
CA LYS A 27 -9.48 -4.77 -7.48
C LYS A 27 -10.55 -3.75 -7.09
N ALA A 28 -11.81 -4.17 -7.14
CA ALA A 28 -12.92 -3.29 -6.81
C ALA A 28 -12.82 -2.80 -5.36
N LYS A 29 -12.39 -3.69 -4.47
CA LYS A 29 -12.29 -3.37 -3.05
C LYS A 29 -11.24 -2.29 -2.81
N LEU A 30 -10.13 -2.39 -3.52
CA LEU A 30 -9.07 -1.39 -3.42
C LEU A 30 -9.56 -0.02 -3.86
N ILE A 31 -10.40 0.00 -4.89
CA ILE A 31 -10.93 1.25 -5.42
C ILE A 31 -12.00 1.83 -4.50
N ALA A 32 -12.95 0.97 -4.10
CA ALA A 32 -14.11 1.42 -3.34
C ALA A 32 -13.69 1.98 -1.98
N ASP A 33 -12.83 1.25 -1.29
CA ASP A 33 -12.45 1.60 0.07
C ASP A 33 -11.09 1.02 0.43
N PRO A 34 -10.03 1.77 0.11
CA PRO A 34 -8.67 1.31 0.36
C PRO A 34 -8.49 0.92 1.83
N LYS A 35 -9.15 1.66 2.71
CA LYS A 35 -8.94 1.49 4.15
C LYS A 35 -9.54 0.19 4.65
N ALA A 36 -10.77 -0.09 4.23
CA ALA A 36 -11.44 -1.34 4.58
C ALA A 36 -10.66 -2.54 4.06
N THR A 37 -10.10 -2.42 2.88
CA THR A 37 -9.32 -3.50 2.27
C THR A 37 -8.05 -3.78 3.07
N LEU A 38 -7.35 -2.72 3.44
CA LEU A 38 -6.13 -2.86 4.23
C LEU A 38 -6.42 -3.49 5.58
N ALA A 39 -7.54 -3.12 6.18
CA ALA A 39 -7.99 -3.73 7.43
C ALA A 39 -8.34 -5.18 7.23
N ALA A 40 -9.08 -5.46 6.16
CA ALA A 40 -9.54 -6.82 5.87
C ALA A 40 -8.36 -7.77 5.69
N GLU A 41 -7.28 -7.26 5.11
CA GLU A 41 -6.09 -8.06 4.87
C GLU A 41 -5.20 -8.13 6.12
N SER A 42 -5.68 -7.52 7.19
CA SER A 42 -4.93 -7.49 8.45
C SER A 42 -3.50 -6.97 8.23
N ILE A 43 -3.39 -5.84 7.54
CA ILE A 43 -2.10 -5.25 7.23
C ILE A 43 -1.72 -4.20 8.26
N ALA A 44 -0.51 -4.30 8.79
CA ALA A 44 -0.06 -3.43 9.87
C ALA A 44 0.31 -2.05 9.35
N VAL A 45 -0.68 -1.28 8.92
CA VAL A 45 -0.45 0.06 8.41
C VAL A 45 -0.03 1.01 9.52
N PRO A 46 1.09 1.68 9.32
CA PRO A 46 1.62 2.61 10.32
C PRO A 46 0.56 3.62 10.74
N ASP A 47 0.45 3.84 12.04
CA ASP A 47 -0.56 4.74 12.58
C ASP A 47 -0.40 6.15 12.01
N GLY A 48 -1.52 6.75 11.63
CA GLY A 48 -1.53 8.15 11.20
C GLY A 48 -1.31 8.26 9.69
N ILE A 49 -0.89 7.16 9.08
CA ILE A 49 -0.58 7.15 7.65
C ILE A 49 -1.76 6.61 6.85
N GLU A 50 -2.41 7.50 6.10
CA GLU A 50 -3.49 7.10 5.21
C GLU A 50 -2.94 6.70 3.83
N LEU A 51 -3.37 5.53 3.37
CA LEU A 51 -2.92 5.04 2.06
C LEU A 51 -4.07 5.01 1.06
N ARG A 52 -3.78 5.34 -0.19
CA ARG A 52 -4.79 5.42 -1.22
C ARG A 52 -4.36 4.67 -2.48
N VAL A 53 -5.15 4.79 -3.54
CA VAL A 53 -4.78 4.23 -4.84
C VAL A 53 -4.31 5.31 -5.79
N LEU A 54 -3.19 5.04 -6.47
CA LEU A 54 -2.64 5.98 -7.44
C LEU A 54 -3.03 5.61 -8.85
N GLU A 55 -2.90 4.33 -9.18
CA GLU A 55 -3.34 3.81 -10.47
C GLU A 55 -3.86 2.39 -10.35
N ASN A 56 -4.96 2.10 -11.04
CA ASN A 56 -5.57 0.77 -11.00
C ASN A 56 -6.21 0.43 -12.35
N THR A 57 -5.46 -0.28 -13.18
CA THR A 57 -5.94 -0.68 -14.49
C THR A 57 -5.55 -2.11 -14.82
N ALA A 58 -5.73 -2.50 -16.07
CA ALA A 58 -5.61 -3.90 -16.47
C ALA A 58 -4.20 -4.41 -16.27
N THR A 59 -3.21 -3.56 -16.59
CA THR A 59 -1.83 -4.01 -16.73
C THR A 59 -0.94 -3.35 -15.69
N VAL A 60 -1.42 -2.26 -15.10
CA VAL A 60 -0.61 -1.45 -14.20
C VAL A 60 -1.30 -1.28 -12.85
N VAL A 61 -0.56 -1.55 -11.77
CA VAL A 61 -1.05 -1.30 -10.43
C VAL A 61 -0.09 -0.42 -9.64
N ASN A 62 -0.60 0.65 -9.06
CA ASN A 62 0.21 1.56 -8.27
C ASN A 62 -0.53 1.98 -7.00
N LEU A 63 -0.12 1.42 -5.86
CA LEU A 63 -0.72 1.75 -4.58
C LEU A 63 0.22 2.57 -3.72
N VAL A 64 -0.34 3.37 -2.82
CA VAL A 64 0.46 4.22 -1.94
C VAL A 64 1.07 3.41 -0.80
N LEU A 65 2.36 3.62 -0.56
CA LEU A 65 3.02 3.06 0.61
C LEU A 65 3.53 4.17 1.53
N PRO A 66 3.65 3.86 2.81
CA PRO A 66 4.18 4.80 3.78
C PRO A 66 5.50 5.40 3.31
N PRO A 67 5.66 6.71 3.48
CA PRO A 67 6.69 7.45 2.77
C PRO A 67 8.07 7.19 3.36
N PRO A 68 8.09 6.72 4.61
CA PRO A 68 9.34 6.31 5.25
C PRO A 68 9.52 4.81 5.16
N PRO A 69 10.38 4.38 4.23
CA PRO A 69 10.76 2.97 4.15
C PRO A 69 11.82 2.62 5.19
N ALA A 70 11.82 1.36 5.62
CA ALA A 70 12.87 0.85 6.50
C ALA A 70 14.13 0.53 5.71
N GLU A 71 14.91 1.55 5.38
CA GLU A 71 16.11 1.39 4.58
C GLU A 71 17.12 0.46 5.26
N GLY A 72 16.99 0.33 6.58
CA GLY A 72 17.89 -0.50 7.36
C GLY A 72 17.50 -1.96 7.27
N GLU A 73 16.36 -2.24 6.65
CA GLU A 73 15.87 -3.60 6.49
C GLU A 73 15.70 -3.96 5.03
N LEU A 74 15.25 -2.99 4.24
CA LEU A 74 14.77 -3.26 2.89
C LEU A 74 15.92 -3.18 1.88
N SER A 75 15.89 -4.08 0.89
CA SER A 75 16.86 -4.05 -0.20
C SER A 75 16.48 -3.01 -1.24
N ASP A 76 17.38 -2.77 -2.19
CA ASP A 76 17.10 -1.90 -3.31
C ASP A 76 15.87 -2.36 -4.09
N GLU A 77 15.74 -3.68 -4.22
CA GLU A 77 14.59 -4.26 -4.91
C GLU A 77 13.30 -4.02 -4.13
N ASP A 78 13.41 -4.01 -2.80
CA ASP A 78 12.26 -3.78 -1.95
C ASP A 78 11.91 -2.29 -1.88
N LEU A 79 12.94 -1.45 -1.80
CA LEU A 79 12.74 -0.02 -1.70
C LEU A 79 12.10 0.53 -2.97
N GLY A 80 12.45 -0.04 -4.10
CA GLY A 80 11.91 0.40 -5.38
C GLY A 80 10.41 0.14 -5.47
N ALA A 81 9.91 -0.71 -4.56
CA ALA A 81 8.50 -1.04 -4.54
C ALA A 81 7.69 0.00 -3.76
N VAL A 82 8.40 0.90 -3.10
CA VAL A 82 7.76 1.88 -2.23
C VAL A 82 7.48 3.18 -2.97
N THR A 83 6.20 3.52 -3.13
CA THR A 83 5.80 4.75 -3.79
C THR A 83 5.09 5.68 -2.82
N GLY A 84 5.78 6.74 -2.40
CA GLY A 84 5.23 7.66 -1.42
C GLY A 84 4.31 8.69 -2.08
N GLY A 85 3.23 8.21 -2.68
CA GLY A 85 2.34 9.06 -3.46
C GLY A 85 1.78 10.19 -2.60
N LEU A 86 1.63 9.93 -1.31
CA LEU A 86 1.04 10.89 -0.39
C LEU A 86 2.07 11.47 0.56
N THR A 87 3.33 11.43 0.15
CA THR A 87 4.43 11.93 0.98
C THR A 87 4.11 13.31 1.52
N VAL A 88 3.50 14.16 0.68
CA VAL A 88 3.31 15.56 1.00
C VAL A 88 1.96 15.79 1.66
N LEU A 89 1.25 14.71 1.95
CA LEU A 89 -0.04 14.78 2.62
C LEU A 89 0.14 14.87 4.14
N PRO A 90 -0.36 15.95 4.72
CA PRO A 90 -0.32 16.12 6.18
C PRO A 90 -0.92 14.92 6.89
N TRP A 91 -0.30 14.53 8.00
CA TRP A 91 -0.74 13.36 8.75
C TRP A 91 -1.36 13.76 10.08
N MET A 5 6.74 1.28 7.53
CA MET A 5 6.19 -0.02 7.88
C MET A 5 7.30 -1.04 8.12
N ASN A 6 6.93 -2.19 8.66
CA ASN A 6 7.89 -3.25 8.93
C ASN A 6 8.17 -4.08 7.67
N GLU A 7 9.26 -4.82 7.70
CA GLU A 7 9.67 -5.63 6.55
C GLU A 7 8.52 -6.49 6.05
N GLU A 8 7.92 -7.24 6.96
CA GLU A 8 6.83 -8.16 6.61
C GLU A 8 5.64 -7.40 6.04
N GLN A 9 5.40 -6.20 6.57
CA GLN A 9 4.26 -5.39 6.15
C GLN A 9 4.47 -4.87 4.72
N THR A 10 5.70 -4.52 4.39
CA THR A 10 6.04 -4.05 3.05
C THR A 10 5.97 -5.19 2.03
N GLN A 11 6.28 -6.39 2.49
CA GLN A 11 6.11 -7.58 1.67
C GLN A 11 4.64 -7.89 1.43
N GLN A 12 3.84 -7.80 2.49
CA GLN A 12 2.40 -7.95 2.37
C GLN A 12 1.80 -6.86 1.50
N TYR A 13 2.31 -5.65 1.63
CA TYR A 13 1.87 -4.54 0.80
C TYR A 13 2.04 -4.85 -0.68
N SER A 14 3.20 -5.42 -1.03
CA SER A 14 3.46 -5.83 -2.40
C SER A 14 2.45 -6.86 -2.88
N GLN A 15 2.07 -7.76 -1.98
CA GLN A 15 1.07 -8.77 -2.28
C GLN A 15 -0.30 -8.13 -2.54
N ILE A 16 -0.62 -7.12 -1.76
CA ILE A 16 -1.92 -6.46 -1.84
C ILE A 16 -2.11 -5.80 -3.20
N VAL A 17 -1.13 -5.02 -3.62
CA VAL A 17 -1.21 -4.29 -4.88
C VAL A 17 -1.23 -5.24 -6.07
N ALA A 18 -0.66 -6.42 -5.88
CA ALA A 18 -0.81 -7.50 -6.87
C ALA A 18 -2.24 -8.01 -6.91
N LYS A 19 -2.80 -8.30 -5.75
CA LYS A 19 -4.15 -8.85 -5.67
C LYS A 19 -5.18 -7.85 -6.17
N CYS A 20 -4.83 -6.57 -6.12
CA CYS A 20 -5.76 -5.50 -6.46
C CYS A 20 -6.18 -5.58 -7.93
N TRP A 21 -5.45 -6.37 -8.70
CA TRP A 21 -5.83 -6.66 -10.08
C TRP A 21 -5.93 -8.17 -10.32
N ALA A 22 -5.18 -8.93 -9.54
CA ALA A 22 -5.12 -10.38 -9.70
C ALA A 22 -6.30 -11.07 -9.03
N ASP A 23 -7.06 -10.29 -8.26
CA ASP A 23 -8.23 -10.81 -7.56
C ASP A 23 -9.39 -9.82 -7.61
N ALA A 24 -10.48 -10.22 -8.24
CA ALA A 24 -11.61 -9.33 -8.47
C ALA A 24 -12.14 -8.77 -7.16
N GLU A 25 -11.98 -9.54 -6.09
CA GLU A 25 -12.48 -9.14 -4.77
C GLU A 25 -11.72 -7.93 -4.25
N PHE A 26 -10.40 -7.95 -4.39
CA PHE A 26 -9.56 -6.85 -3.94
C PHE A 26 -9.68 -5.64 -4.87
N LYS A 27 -9.92 -5.91 -6.15
CA LYS A 27 -10.20 -4.86 -7.12
C LYS A 27 -11.39 -4.03 -6.70
N ALA A 28 -12.50 -4.71 -6.39
CA ALA A 28 -13.72 -4.03 -5.94
C ALA A 28 -13.46 -3.23 -4.67
N LYS A 29 -12.68 -3.81 -3.77
CA LYS A 29 -12.32 -3.13 -2.52
C LYS A 29 -11.53 -1.86 -2.78
N LEU A 30 -10.55 -1.95 -3.68
CA LEU A 30 -9.74 -0.80 -4.04
C LEU A 30 -10.58 0.32 -4.62
N ILE A 31 -11.50 -0.03 -5.52
CA ILE A 31 -12.36 0.95 -6.17
C ILE A 31 -13.16 1.75 -5.13
N ALA A 32 -13.69 1.05 -4.14
CA ALA A 32 -14.40 1.70 -3.04
C ALA A 32 -13.44 2.51 -2.18
N ASP A 33 -12.39 1.85 -1.68
CA ASP A 33 -11.44 2.50 -0.80
C ASP A 33 -10.17 1.66 -0.64
N PRO A 34 -9.03 2.25 -1.01
CA PRO A 34 -7.75 1.56 -0.88
C PRO A 34 -7.59 0.93 0.50
N LYS A 35 -8.14 1.59 1.51
CA LYS A 35 -8.04 1.11 2.89
C LYS A 35 -8.65 -0.28 3.02
N ALA A 36 -9.67 -0.55 2.22
CA ALA A 36 -10.38 -1.83 2.30
C ALA A 36 -9.45 -2.99 2.01
N THR A 37 -8.46 -2.75 1.16
CA THR A 37 -7.50 -3.79 0.78
C THR A 37 -6.40 -3.92 1.83
N LEU A 38 -6.12 -2.85 2.53
CA LEU A 38 -5.20 -2.88 3.67
C LEU A 38 -5.85 -3.49 4.89
N ALA A 39 -7.18 -3.35 4.98
CA ALA A 39 -7.95 -3.99 6.04
C ALA A 39 -8.10 -5.48 5.79
N ALA A 40 -8.40 -5.85 4.55
CA ALA A 40 -8.57 -7.25 4.18
C ALA A 40 -7.28 -8.03 4.43
N GLU A 41 -6.16 -7.49 3.96
CA GLU A 41 -4.84 -8.02 4.29
C GLU A 41 -4.22 -7.24 5.44
N SER A 42 -4.63 -7.55 6.66
CA SER A 42 -4.47 -6.63 7.78
C SER A 42 -3.03 -6.12 7.87
N ILE A 43 -2.83 -4.87 7.50
CA ILE A 43 -1.62 -4.13 7.88
C ILE A 43 -1.95 -2.98 8.82
N ALA A 44 -1.12 -2.82 9.85
CA ALA A 44 -1.32 -1.75 10.82
C ALA A 44 -1.05 -0.38 10.18
N VAL A 45 -2.07 0.16 9.52
CA VAL A 45 -1.93 1.45 8.85
C VAL A 45 -2.78 2.52 9.53
N PRO A 46 -2.12 3.38 10.30
CA PRO A 46 -2.82 4.43 11.04
C PRO A 46 -3.67 5.28 10.12
N ASP A 47 -4.77 5.81 10.66
CA ASP A 47 -5.71 6.60 9.87
C ASP A 47 -5.16 7.99 9.60
N GLY A 48 -3.98 8.27 10.14
CA GLY A 48 -3.30 9.54 9.90
C GLY A 48 -2.56 9.54 8.57
N ILE A 49 -2.66 8.42 7.85
CA ILE A 49 -2.00 8.29 6.56
C ILE A 49 -2.99 8.51 5.41
N GLU A 50 -2.65 9.44 4.53
CA GLU A 50 -3.46 9.71 3.34
C GLU A 50 -3.11 8.74 2.22
N LEU A 51 -4.10 7.96 1.79
CA LEU A 51 -3.88 6.95 0.77
C LEU A 51 -4.32 7.46 -0.61
N ARG A 52 -3.48 7.21 -1.61
CA ARG A 52 -3.78 7.65 -2.97
C ARG A 52 -3.51 6.54 -3.98
N VAL A 53 -4.02 6.72 -5.19
CA VAL A 53 -3.76 5.77 -6.27
C VAL A 53 -3.11 6.45 -7.47
N LEU A 54 -2.04 5.86 -7.97
CA LEU A 54 -1.37 6.39 -9.16
C LEU A 54 -1.74 5.58 -10.40
N GLU A 55 -1.97 4.29 -10.21
CA GLU A 55 -2.34 3.40 -11.32
C GLU A 55 -3.30 2.31 -10.86
N ASN A 56 -4.30 2.03 -11.68
CA ASN A 56 -5.24 0.96 -11.39
C ASN A 56 -5.75 0.30 -12.67
N THR A 57 -5.05 -0.74 -13.11
CA THR A 57 -5.42 -1.47 -14.32
C THR A 57 -5.65 -2.94 -14.03
N ALA A 58 -5.90 -3.71 -15.09
CA ALA A 58 -6.11 -5.14 -14.96
C ALA A 58 -4.79 -5.90 -14.86
N THR A 59 -3.69 -5.17 -14.95
CA THR A 59 -2.36 -5.76 -14.97
C THR A 59 -1.48 -5.17 -13.89
N VAL A 60 -1.64 -3.88 -13.63
CA VAL A 60 -0.78 -3.17 -12.71
C VAL A 60 -1.57 -2.24 -11.81
N VAL A 61 -1.28 -2.29 -10.51
CA VAL A 61 -1.85 -1.34 -9.56
C VAL A 61 -0.76 -0.68 -8.71
N ASN A 62 -0.85 0.64 -8.59
CA ASN A 62 0.14 1.40 -7.82
C ASN A 62 -0.53 2.20 -6.72
N LEU A 63 -0.42 1.72 -5.49
CA LEU A 63 -1.04 2.37 -4.34
C LEU A 63 -0.01 3.16 -3.54
N VAL A 64 -0.42 4.32 -3.05
CA VAL A 64 0.49 5.21 -2.32
C VAL A 64 0.18 5.19 -0.82
N LEU A 65 1.20 4.88 -0.02
CA LEU A 65 1.05 4.83 1.43
C LEU A 65 2.18 5.56 2.13
N PRO A 66 1.99 6.85 2.38
CA PRO A 66 3.03 7.67 2.98
C PRO A 66 3.50 7.07 4.31
N PRO A 67 4.76 7.30 4.63
CA PRO A 67 5.35 6.76 5.85
C PRO A 67 4.48 7.05 7.06
N PRO A 68 4.16 6.01 7.82
CA PRO A 68 3.38 6.17 9.04
C PRO A 68 4.04 7.15 10.00
N PRO A 69 3.22 7.90 10.73
CA PRO A 69 3.72 8.86 11.70
C PRO A 69 4.22 8.15 12.95
N ALA A 70 3.87 6.88 13.09
CA ALA A 70 4.17 6.13 14.31
C ALA A 70 5.25 5.09 14.06
N GLU A 71 5.22 4.49 12.87
CA GLU A 71 6.05 3.33 12.58
C GLU A 71 7.33 3.74 11.84
N GLY A 72 8.21 2.77 11.62
CA GLY A 72 9.45 3.02 10.90
C GLY A 72 9.19 3.58 9.50
N GLU A 73 10.05 4.48 9.06
CA GLU A 73 9.85 5.17 7.79
C GLU A 73 10.08 4.24 6.61
N LEU A 74 9.36 4.48 5.52
CA LEU A 74 9.53 3.70 4.30
C LEU A 74 10.79 4.13 3.56
N SER A 75 11.47 3.16 2.94
CA SER A 75 12.74 3.42 2.29
C SER A 75 12.54 4.04 0.92
N ASP A 76 13.64 4.51 0.32
CA ASP A 76 13.60 5.00 -1.05
C ASP A 76 13.12 3.93 -2.02
N GLU A 77 13.50 2.68 -1.74
CA GLU A 77 13.04 1.55 -2.54
C GLU A 77 11.54 1.37 -2.44
N ASP A 78 10.99 1.65 -1.26
CA ASP A 78 9.56 1.54 -1.03
C ASP A 78 8.81 2.74 -1.64
N LEU A 79 9.41 3.92 -1.51
CA LEU A 79 8.78 5.14 -1.99
C LEU A 79 9.17 5.44 -3.44
N GLY A 80 10.11 4.65 -3.96
CA GLY A 80 10.56 4.81 -5.34
C GLY A 80 9.44 4.52 -6.33
N ALA A 81 8.40 3.82 -5.86
CA ALA A 81 7.26 3.48 -6.70
C ALA A 81 6.25 4.62 -6.74
N VAL A 82 6.52 5.67 -5.96
CA VAL A 82 5.57 6.76 -5.79
C VAL A 82 6.12 8.05 -6.39
N THR A 83 5.30 8.69 -7.23
CA THR A 83 5.68 9.98 -7.82
C THR A 83 5.88 11.03 -6.74
N GLY A 84 7.10 11.54 -6.64
CA GLY A 84 7.44 12.55 -5.64
C GLY A 84 7.71 11.89 -4.29
N GLY A 85 7.65 10.57 -4.25
CA GLY A 85 7.81 9.83 -3.01
C GLY A 85 9.22 9.96 -2.47
N LEU A 86 10.15 10.36 -3.34
CA LEU A 86 11.56 10.48 -2.96
C LEU A 86 11.89 11.92 -2.55
N THR A 87 10.87 12.76 -2.46
CA THR A 87 11.03 14.13 -1.98
C THR A 87 10.53 14.28 -0.56
N VAL A 88 10.67 15.47 0.00
CA VAL A 88 10.21 15.75 1.35
C VAL A 88 8.69 15.59 1.45
N LEU A 89 8.25 14.76 2.39
CA LEU A 89 6.83 14.47 2.56
C LEU A 89 6.30 15.07 3.86
N PRO A 90 5.01 15.36 3.88
CA PRO A 90 4.34 15.81 5.10
C PRO A 90 4.56 14.82 6.24
N TRP A 91 4.86 13.57 5.88
CA TRP A 91 5.10 12.53 6.88
C TRP A 91 6.58 12.29 7.08
N MET A 5 7.89 2.15 3.57
CA MET A 5 7.45 0.94 4.26
C MET A 5 8.62 0.04 4.63
N ASN A 6 8.51 -0.63 5.76
CA ASN A 6 9.53 -1.56 6.20
C ASN A 6 9.34 -2.93 5.57
N GLU A 7 10.12 -3.91 6.04
CA GLU A 7 10.14 -5.23 5.42
C GLU A 7 8.75 -5.86 5.41
N GLU A 8 8.14 -5.96 6.58
CA GLU A 8 6.85 -6.63 6.72
C GLU A 8 5.77 -5.87 5.96
N GLN A 9 5.82 -4.54 6.01
CA GLN A 9 4.85 -3.71 5.32
C GLN A 9 5.00 -3.84 3.80
N THR A 10 6.25 -3.95 3.34
CA THR A 10 6.52 -4.17 1.93
C THR A 10 5.98 -5.51 1.46
N GLN A 11 6.13 -6.53 2.30
CA GLN A 11 5.60 -7.85 1.99
C GLN A 11 4.08 -7.81 1.86
N GLN A 12 3.43 -7.08 2.74
CA GLN A 12 1.98 -6.88 2.66
C GLN A 12 1.60 -6.15 1.38
N TYR A 13 2.36 -5.11 1.04
CA TYR A 13 2.14 -4.38 -0.19
C TYR A 13 2.20 -5.30 -1.40
N SER A 14 3.23 -6.14 -1.45
CA SER A 14 3.39 -7.08 -2.54
C SER A 14 2.18 -8.01 -2.67
N GLN A 15 1.68 -8.46 -1.52
CA GLN A 15 0.49 -9.31 -1.49
C GLN A 15 -0.73 -8.57 -2.03
N ILE A 16 -0.85 -7.30 -1.67
CA ILE A 16 -1.99 -6.50 -2.07
C ILE A 16 -2.07 -6.37 -3.59
N VAL A 17 -0.96 -5.96 -4.18
CA VAL A 17 -0.92 -5.72 -5.63
C VAL A 17 -0.99 -7.02 -6.42
N ALA A 18 -0.49 -8.09 -5.81
CA ALA A 18 -0.61 -9.43 -6.39
C ALA A 18 -2.07 -9.86 -6.46
N LYS A 19 -2.80 -9.65 -5.37
CA LYS A 19 -4.22 -9.98 -5.31
C LYS A 19 -5.03 -9.09 -6.25
N CYS A 20 -4.61 -7.83 -6.36
CA CYS A 20 -5.27 -6.88 -7.26
C CYS A 20 -5.20 -7.34 -8.70
N TRP A 21 -4.03 -7.84 -9.10
CA TRP A 21 -3.86 -8.42 -10.43
C TRP A 21 -4.70 -9.67 -10.60
N ALA A 22 -4.62 -10.57 -9.62
CA ALA A 22 -5.30 -11.85 -9.71
C ALA A 22 -6.82 -11.67 -9.73
N ASP A 23 -7.30 -10.70 -8.97
CA ASP A 23 -8.74 -10.52 -8.78
C ASP A 23 -9.14 -9.06 -8.95
N ALA A 24 -9.79 -8.76 -10.08
CA ALA A 24 -10.18 -7.40 -10.41
C ALA A 24 -11.10 -6.82 -9.34
N GLU A 25 -11.89 -7.69 -8.71
CA GLU A 25 -12.86 -7.26 -7.71
C GLU A 25 -12.16 -6.69 -6.48
N PHE A 26 -11.14 -7.40 -6.00
CA PHE A 26 -10.33 -6.91 -4.89
C PHE A 26 -9.72 -5.56 -5.20
N LYS A 27 -9.15 -5.42 -6.40
CA LYS A 27 -8.56 -4.17 -6.83
C LYS A 27 -9.57 -3.03 -6.79
N ALA A 28 -10.73 -3.25 -7.40
CA ALA A 28 -11.76 -2.23 -7.48
C ALA A 28 -12.22 -1.80 -6.10
N LYS A 29 -12.44 -2.78 -5.21
CA LYS A 29 -12.88 -2.50 -3.85
C LYS A 29 -11.78 -1.83 -3.05
N LEU A 30 -10.54 -2.29 -3.25
CA LEU A 30 -9.39 -1.71 -2.57
C LEU A 30 -9.31 -0.21 -2.79
N ILE A 31 -9.47 0.21 -4.04
CA ILE A 31 -9.40 1.62 -4.39
C ILE A 31 -10.55 2.40 -3.77
N ALA A 32 -11.76 1.86 -3.88
CA ALA A 32 -12.95 2.51 -3.36
C ALA A 32 -12.86 2.68 -1.85
N ASP A 33 -12.40 1.63 -1.17
CA ASP A 33 -12.33 1.62 0.29
C ASP A 33 -11.20 0.75 0.79
N PRO A 34 -9.99 1.30 0.81
CA PRO A 34 -8.80 0.54 1.13
C PRO A 34 -8.76 0.15 2.60
N LYS A 35 -9.50 0.90 3.42
CA LYS A 35 -9.54 0.65 4.85
C LYS A 35 -10.27 -0.66 5.17
N ALA A 36 -11.51 -0.76 4.71
CA ALA A 36 -12.30 -1.97 4.91
C ALA A 36 -11.69 -3.16 4.18
N THR A 37 -11.19 -2.90 2.98
CA THR A 37 -10.67 -3.98 2.13
C THR A 37 -9.44 -4.63 2.74
N LEU A 38 -8.52 -3.80 3.21
CA LEU A 38 -7.25 -4.29 3.74
C LEU A 38 -7.42 -4.81 5.17
N ALA A 39 -8.30 -4.17 5.92
CA ALA A 39 -8.60 -4.59 7.28
C ALA A 39 -9.06 -6.05 7.32
N ALA A 40 -9.88 -6.42 6.34
CA ALA A 40 -10.35 -7.80 6.21
C ALA A 40 -9.17 -8.76 5.99
N GLU A 41 -8.07 -8.23 5.47
CA GLU A 41 -6.91 -9.05 5.15
C GLU A 41 -5.87 -8.99 6.26
N SER A 42 -6.27 -8.48 7.42
CA SER A 42 -5.36 -8.32 8.54
C SER A 42 -4.22 -7.36 8.21
N ILE A 43 -4.52 -6.36 7.38
CA ILE A 43 -3.58 -5.29 7.09
C ILE A 43 -4.12 -3.94 7.56
N ALA A 44 -3.51 -3.41 8.61
CA ALA A 44 -4.05 -2.24 9.29
C ALA A 44 -4.02 -1.01 8.38
N VAL A 45 -5.08 -0.22 8.43
CA VAL A 45 -5.12 1.07 7.74
C VAL A 45 -5.60 2.17 8.67
N PRO A 46 -4.68 2.78 9.40
CA PRO A 46 -5.02 3.85 10.33
C PRO A 46 -5.68 5.01 9.61
N ASP A 47 -6.59 5.69 10.31
CA ASP A 47 -7.27 6.86 9.75
C ASP A 47 -6.27 7.89 9.26
N GLY A 48 -6.53 8.46 8.09
CA GLY A 48 -5.62 9.41 7.47
C GLY A 48 -4.78 8.74 6.38
N ILE A 49 -4.76 7.41 6.40
CA ILE A 49 -4.05 6.65 5.39
C ILE A 49 -4.97 6.26 4.24
N GLU A 50 -4.60 6.66 3.03
CA GLU A 50 -5.39 6.33 1.83
C GLU A 50 -4.51 5.68 0.77
N LEU A 51 -5.17 5.07 -0.22
CA LEU A 51 -4.46 4.32 -1.26
C LEU A 51 -4.67 4.94 -2.62
N ARG A 52 -3.61 4.97 -3.43
CA ARG A 52 -3.70 5.51 -4.79
C ARG A 52 -3.12 4.52 -5.80
N VAL A 53 -3.35 4.81 -7.08
CA VAL A 53 -2.90 3.93 -8.15
C VAL A 53 -1.77 4.58 -8.94
N LEU A 54 -0.68 3.83 -9.17
CA LEU A 54 0.42 4.28 -10.00
C LEU A 54 0.33 3.68 -11.40
N GLU A 55 0.02 2.39 -11.46
CA GLU A 55 -0.08 1.69 -12.74
C GLU A 55 -1.15 0.61 -12.70
N ASN A 56 -1.85 0.43 -13.81
CA ASN A 56 -2.99 -0.47 -13.86
C ASN A 56 -3.12 -1.12 -15.23
N THR A 57 -2.40 -2.22 -15.44
CA THR A 57 -2.46 -2.96 -16.69
C THR A 57 -2.78 -4.43 -16.44
N ALA A 58 -2.75 -5.22 -17.50
CA ALA A 58 -2.97 -6.66 -17.39
C ALA A 58 -1.69 -7.38 -16.97
N THR A 59 -0.61 -6.62 -16.80
CA THR A 59 0.69 -7.19 -16.50
C THR A 59 1.26 -6.61 -15.22
N VAL A 60 0.94 -5.34 -14.95
CA VAL A 60 1.55 -4.61 -13.84
C VAL A 60 0.50 -3.91 -13.00
N VAL A 61 0.57 -4.10 -11.68
CA VAL A 61 -0.24 -3.33 -10.75
C VAL A 61 0.63 -2.66 -9.70
N ASN A 62 0.67 -1.33 -9.74
CA ASN A 62 1.46 -0.55 -8.78
C ASN A 62 0.59 0.44 -8.03
N LEU A 63 0.62 0.34 -6.70
CA LEU A 63 -0.24 1.17 -5.86
C LEU A 63 0.58 2.01 -4.88
N VAL A 64 -0.10 2.94 -4.21
CA VAL A 64 0.53 3.71 -3.14
C VAL A 64 -0.06 3.35 -1.79
N LEU A 65 0.80 2.94 -0.86
CA LEU A 65 0.37 2.61 0.50
C LEU A 65 1.23 3.32 1.53
N PRO A 66 0.80 4.50 1.95
CA PRO A 66 1.59 5.34 2.85
C PRO A 66 1.83 4.63 4.18
N PRO A 67 2.91 5.00 4.85
CA PRO A 67 3.20 4.49 6.19
C PRO A 67 2.22 5.03 7.22
N PRO A 68 2.10 4.34 8.35
CA PRO A 68 1.19 4.75 9.40
C PRO A 68 1.65 6.04 10.07
N PRO A 69 0.72 6.74 10.71
CA PRO A 69 1.03 7.99 11.39
C PRO A 69 1.71 7.74 12.71
N ALA A 70 2.93 7.20 12.66
CA ALA A 70 3.69 6.89 13.86
C ALA A 70 4.40 8.13 14.40
N GLU A 71 4.30 9.23 13.67
CA GLU A 71 4.96 10.47 14.05
C GLU A 71 6.45 10.25 14.30
N GLY A 72 7.08 9.44 13.44
CA GLY A 72 8.51 9.20 13.53
C GLY A 72 9.24 9.76 12.31
N GLU A 73 10.49 9.32 12.13
CA GLU A 73 11.29 9.77 11.00
C GLU A 73 11.13 8.84 9.80
N LEU A 74 10.77 9.42 8.66
CA LEU A 74 10.60 8.65 7.43
C LEU A 74 11.76 8.88 6.48
N SER A 75 12.19 7.81 5.82
CA SER A 75 13.31 7.89 4.88
C SER A 75 12.82 8.33 3.51
N ASP A 76 13.77 8.60 2.61
CA ASP A 76 13.45 8.90 1.22
C ASP A 76 12.67 7.77 0.57
N GLU A 77 13.01 6.54 0.95
CA GLU A 77 12.32 5.37 0.43
C GLU A 77 10.87 5.31 0.93
N ASP A 78 10.65 5.79 2.14
CA ASP A 78 9.32 5.80 2.74
C ASP A 78 8.47 6.92 2.14
N LEU A 79 9.10 8.06 1.88
CA LEU A 79 8.39 9.22 1.36
C LEU A 79 8.23 9.16 -0.15
N GLY A 80 9.21 8.56 -0.81
CA GLY A 80 9.24 8.53 -2.27
C GLY A 80 8.53 7.29 -2.81
N ALA A 81 7.92 6.52 -1.90
CA ALA A 81 7.22 5.31 -2.28
C ALA A 81 8.07 4.42 -3.17
N VAL A 82 9.24 4.03 -2.67
CA VAL A 82 10.21 3.29 -3.46
C VAL A 82 9.59 2.00 -4.01
N THR A 83 8.59 1.49 -3.31
CA THR A 83 7.94 0.25 -3.70
C THR A 83 7.12 0.43 -4.98
N GLY A 84 6.95 1.68 -5.39
CA GLY A 84 6.23 1.98 -6.62
C GLY A 84 7.17 1.99 -7.82
N GLY A 85 8.43 1.67 -7.58
CA GLY A 85 9.42 1.59 -8.65
C GLY A 85 9.56 2.91 -9.38
N LEU A 86 9.43 2.87 -10.70
CA LEU A 86 9.60 4.06 -11.53
C LEU A 86 8.25 4.60 -11.99
N THR A 87 7.19 4.14 -11.36
CA THR A 87 5.84 4.59 -11.70
C THR A 87 5.29 5.56 -10.65
N VAL A 88 6.14 5.92 -9.69
CA VAL A 88 5.73 6.80 -8.60
C VAL A 88 5.29 8.16 -9.11
N LEU A 89 4.11 8.59 -8.68
CA LEU A 89 3.55 9.86 -9.13
C LEU A 89 3.63 10.93 -8.05
N PRO A 90 3.78 12.18 -8.47
CA PRO A 90 3.80 13.30 -7.54
C PRO A 90 2.40 13.60 -7.01
N TRP A 91 1.40 12.98 -7.63
CA TRP A 91 0.01 13.21 -7.25
C TRP A 91 -0.50 12.09 -6.35
N MET A 5 7.20 -5.15 11.64
CA MET A 5 8.58 -5.05 11.19
C MET A 5 8.65 -4.55 9.76
N ASN A 6 9.82 -4.10 9.34
CA ASN A 6 10.03 -3.58 8.00
C ASN A 6 9.75 -4.65 6.95
N GLU A 7 10.17 -5.87 7.23
CA GLU A 7 9.97 -6.98 6.31
C GLU A 7 8.48 -7.27 6.12
N GLU A 8 7.73 -7.19 7.21
CA GLU A 8 6.30 -7.47 7.17
C GLU A 8 5.56 -6.44 6.31
N GLN A 9 5.95 -5.17 6.45
CA GLN A 9 5.35 -4.10 5.67
C GLN A 9 5.56 -4.33 4.17
N THR A 10 6.76 -4.77 3.81
CA THR A 10 7.07 -5.06 2.42
C THR A 10 6.19 -6.18 1.88
N GLN A 11 6.10 -7.26 2.64
CA GLN A 11 5.32 -8.43 2.22
C GLN A 11 3.84 -8.10 2.12
N GLN A 12 3.33 -7.37 3.11
CA GLN A 12 1.92 -6.97 3.13
C GLN A 12 1.57 -6.16 1.89
N TYR A 13 2.37 -5.13 1.62
CA TYR A 13 2.11 -4.25 0.48
C TYR A 13 2.25 -4.99 -0.84
N SER A 14 3.25 -5.87 -0.93
CA SER A 14 3.48 -6.65 -2.13
C SER A 14 2.28 -7.51 -2.47
N GLN A 15 1.67 -8.09 -1.44
CA GLN A 15 0.47 -8.92 -1.62
C GLN A 15 -0.69 -8.09 -2.15
N ILE A 16 -0.84 -6.88 -1.62
CA ILE A 16 -1.92 -5.99 -2.03
C ILE A 16 -1.78 -5.60 -3.51
N VAL A 17 -0.57 -5.23 -3.89
CA VAL A 17 -0.30 -4.80 -5.26
C VAL A 17 -0.49 -5.95 -6.25
N ALA A 18 0.11 -7.10 -5.93
CA ALA A 18 0.02 -8.27 -6.79
C ALA A 18 -1.42 -8.77 -6.91
N LYS A 19 -2.12 -8.80 -5.77
CA LYS A 19 -3.46 -9.36 -5.73
C LYS A 19 -4.42 -8.54 -6.58
N CYS A 20 -4.30 -7.23 -6.51
CA CYS A 20 -5.25 -6.32 -7.16
C CYS A 20 -5.01 -6.28 -8.67
N TRP A 21 -3.98 -6.98 -9.12
CA TRP A 21 -3.68 -7.07 -10.55
C TRP A 21 -4.46 -8.22 -11.19
N ALA A 22 -4.90 -9.16 -10.36
CA ALA A 22 -5.50 -10.39 -10.87
C ALA A 22 -6.92 -10.57 -10.33
N ASP A 23 -7.11 -10.27 -9.06
CA ASP A 23 -8.36 -10.57 -8.37
C ASP A 23 -9.39 -9.47 -8.59
N ALA A 24 -10.31 -9.70 -9.53
CA ALA A 24 -11.21 -8.65 -9.98
C ALA A 24 -12.07 -8.12 -8.85
N GLU A 25 -12.51 -9.03 -7.98
CA GLU A 25 -13.34 -8.66 -6.84
C GLU A 25 -12.57 -7.81 -5.84
N PHE A 26 -11.35 -8.24 -5.52
CA PHE A 26 -10.52 -7.54 -4.55
C PHE A 26 -10.22 -6.13 -5.00
N LYS A 27 -9.73 -6.00 -6.24
CA LYS A 27 -9.28 -4.70 -6.75
C LYS A 27 -10.43 -3.71 -6.83
N ALA A 28 -11.63 -4.23 -7.09
CA ALA A 28 -12.83 -3.39 -7.07
C ALA A 28 -13.09 -2.84 -5.68
N LYS A 29 -12.92 -3.67 -4.66
CA LYS A 29 -13.09 -3.24 -3.28
C LYS A 29 -11.96 -2.32 -2.84
N LEU A 30 -10.75 -2.62 -3.31
CA LEU A 30 -9.58 -1.80 -3.00
C LEU A 30 -9.77 -0.37 -3.48
N ILE A 31 -10.45 -0.22 -4.60
CA ILE A 31 -10.78 1.10 -5.14
C ILE A 31 -11.90 1.76 -4.34
N ALA A 32 -12.97 1.00 -4.11
CA ALA A 32 -14.16 1.54 -3.45
C ALA A 32 -13.82 2.04 -2.05
N ASP A 33 -13.01 1.26 -1.32
CA ASP A 33 -12.62 1.63 0.03
C ASP A 33 -11.24 1.07 0.36
N PRO A 34 -10.20 1.80 -0.01
CA PRO A 34 -8.83 1.33 0.15
C PRO A 34 -8.55 0.94 1.60
N LYS A 35 -9.13 1.69 2.53
CA LYS A 35 -8.80 1.53 3.95
C LYS A 35 -9.41 0.26 4.50
N ALA A 36 -10.71 0.08 4.28
CA ALA A 36 -11.40 -1.12 4.76
C ALA A 36 -10.81 -2.38 4.15
N THR A 37 -10.42 -2.29 2.89
CA THR A 37 -9.86 -3.44 2.17
C THR A 37 -8.51 -3.84 2.77
N LEU A 38 -7.66 -2.86 3.02
CA LEU A 38 -6.38 -3.11 3.68
C LEU A 38 -6.58 -3.69 5.07
N ALA A 39 -7.55 -3.17 5.80
CA ALA A 39 -7.90 -3.70 7.11
C ALA A 39 -8.33 -5.16 7.02
N ALA A 40 -9.12 -5.48 6.00
CA ALA A 40 -9.55 -6.85 5.77
C ALA A 40 -8.36 -7.78 5.57
N GLU A 41 -7.31 -7.25 4.95
CA GLU A 41 -6.08 -8.02 4.72
C GLU A 41 -5.14 -7.91 5.91
N SER A 42 -5.66 -7.46 7.04
CA SER A 42 -4.88 -7.36 8.27
C SER A 42 -3.71 -6.41 8.10
N ILE A 43 -3.95 -5.30 7.40
CA ILE A 43 -2.96 -4.25 7.27
C ILE A 43 -3.42 -2.95 7.93
N ALA A 44 -2.65 -2.48 8.89
CA ALA A 44 -2.99 -1.26 9.61
C ALA A 44 -2.97 -0.05 8.69
N VAL A 45 -3.95 0.85 8.86
CA VAL A 45 -3.97 2.11 8.13
C VAL A 45 -4.10 3.29 9.09
N PRO A 46 -2.98 3.96 9.34
CA PRO A 46 -2.96 5.10 10.25
C PRO A 46 -3.96 6.16 9.83
N ASP A 47 -4.65 6.73 10.81
CA ASP A 47 -5.69 7.73 10.53
C ASP A 47 -5.09 9.06 10.13
N GLY A 48 -3.78 9.19 10.31
CA GLY A 48 -3.07 10.41 9.94
C GLY A 48 -2.64 10.37 8.47
N ILE A 49 -2.90 9.24 7.81
CA ILE A 49 -2.51 9.07 6.42
C ILE A 49 -3.71 8.73 5.54
N GLU A 50 -3.95 9.57 4.54
CA GLU A 50 -5.03 9.33 3.58
C GLU A 50 -4.54 8.52 2.39
N LEU A 51 -5.44 7.73 1.80
CA LEU A 51 -5.10 6.88 0.67
C LEU A 51 -5.70 7.42 -0.62
N ARG A 52 -5.01 7.17 -1.74
CA ARG A 52 -5.53 7.51 -3.06
C ARG A 52 -5.33 6.38 -4.04
N VAL A 53 -6.24 6.26 -5.00
CA VAL A 53 -6.11 5.28 -6.08
C VAL A 53 -5.25 5.83 -7.21
N LEU A 54 -4.23 5.08 -7.58
CA LEU A 54 -3.29 5.52 -8.60
C LEU A 54 -3.80 5.21 -10.01
N GLU A 55 -4.28 3.98 -10.19
CA GLU A 55 -4.74 3.53 -11.50
C GLU A 55 -6.01 2.70 -11.39
N ASN A 56 -6.96 2.96 -12.28
CA ASN A 56 -8.24 2.25 -12.26
C ASN A 56 -8.66 1.85 -13.67
N THR A 57 -8.21 0.67 -14.09
CA THR A 57 -8.55 0.16 -15.42
C THR A 57 -9.12 -1.25 -15.32
N ALA A 58 -9.61 -1.77 -16.45
CA ALA A 58 -10.16 -3.12 -16.50
C ALA A 58 -9.11 -4.16 -16.14
N THR A 59 -7.86 -3.89 -16.50
CA THR A 59 -6.82 -4.91 -16.46
C THR A 59 -5.84 -4.64 -15.33
N VAL A 60 -5.65 -3.37 -15.00
CA VAL A 60 -4.65 -2.96 -14.02
C VAL A 60 -5.23 -2.00 -13.00
N VAL A 61 -4.99 -2.29 -11.72
CA VAL A 61 -5.34 -1.38 -10.65
C VAL A 61 -4.16 -1.16 -9.70
N ASN A 62 -3.95 0.08 -9.31
CA ASN A 62 -2.85 0.42 -8.40
C ASN A 62 -3.31 1.38 -7.32
N LEU A 63 -2.97 1.07 -6.07
CA LEU A 63 -3.29 1.93 -4.94
C LEU A 63 -2.04 2.67 -4.44
N VAL A 64 -2.20 3.94 -4.11
CA VAL A 64 -1.15 4.70 -3.46
C VAL A 64 -1.06 4.36 -1.98
N LEU A 65 0.08 3.81 -1.57
CA LEU A 65 0.21 3.25 -0.22
C LEU A 65 0.86 4.25 0.72
N PRO A 66 0.65 4.05 2.02
CA PRO A 66 1.25 4.91 3.03
C PRO A 66 2.76 5.00 2.85
N PRO A 67 3.29 6.22 2.99
CA PRO A 67 4.73 6.44 2.87
C PRO A 67 5.46 5.94 4.12
N PRO A 68 6.77 5.69 3.97
CA PRO A 68 7.61 5.33 5.09
C PRO A 68 7.88 6.52 5.99
N PRO A 69 8.45 6.26 7.17
CA PRO A 69 8.84 7.33 8.09
C PRO A 69 10.04 8.09 7.55
N ALA A 70 9.84 8.79 6.43
CA ALA A 70 10.92 9.53 5.78
C ALA A 70 11.50 10.58 6.72
N GLU A 71 10.68 11.11 7.61
CA GLU A 71 11.10 12.17 8.51
C GLU A 71 11.75 11.60 9.77
N GLY A 72 11.87 10.28 9.82
CA GLY A 72 12.43 9.60 10.98
C GLY A 72 13.95 9.47 10.86
N GLU A 73 14.51 10.12 9.84
CA GLU A 73 15.94 10.04 9.59
C GLU A 73 16.41 8.59 9.47
N LEU A 74 15.69 7.81 8.68
CA LEU A 74 16.02 6.40 8.50
C LEU A 74 16.79 6.17 7.20
N SER A 75 17.41 5.00 7.08
CA SER A 75 18.22 4.69 5.91
C SER A 75 17.35 4.29 4.72
N ASP A 76 17.96 4.23 3.55
CA ASP A 76 17.27 3.75 2.36
C ASP A 76 16.75 2.33 2.54
N GLU A 77 17.54 1.51 3.25
CA GLU A 77 17.14 0.14 3.53
C GLU A 77 15.91 0.10 4.42
N ASP A 78 15.81 1.05 5.34
CA ASP A 78 14.66 1.15 6.23
C ASP A 78 13.44 1.69 5.48
N LEU A 79 13.64 2.75 4.73
CA LEU A 79 12.54 3.41 4.02
C LEU A 79 12.05 2.58 2.86
N GLY A 80 12.91 1.71 2.35
CA GLY A 80 12.57 0.86 1.22
C GLY A 80 11.61 -0.25 1.62
N ALA A 81 11.24 -0.27 2.90
CA ALA A 81 10.22 -1.18 3.40
C ALA A 81 8.91 -1.00 2.67
N VAL A 82 8.66 0.22 2.22
CA VAL A 82 7.41 0.55 1.53
C VAL A 82 7.55 0.42 0.03
N THR A 83 6.63 -0.31 -0.59
CA THR A 83 6.65 -0.51 -2.03
C THR A 83 6.64 0.81 -2.78
N GLY A 84 7.61 0.99 -3.68
CA GLY A 84 7.74 2.22 -4.44
C GLY A 84 7.12 2.06 -5.83
N GLY A 85 7.23 3.11 -6.64
CA GLY A 85 6.70 3.09 -8.00
C GLY A 85 5.20 3.40 -8.01
N LEU A 86 4.66 3.69 -6.84
CA LEU A 86 3.23 3.94 -6.70
C LEU A 86 2.96 5.39 -6.33
N THR A 87 3.81 6.29 -6.81
CA THR A 87 3.79 7.68 -6.38
C THR A 87 3.71 7.79 -4.86
N VAL A 88 4.51 6.95 -4.18
CA VAL A 88 4.62 7.03 -2.73
C VAL A 88 5.99 7.54 -2.32
N LEU A 89 6.06 8.82 -1.97
CA LEU A 89 7.34 9.45 -1.62
C LEU A 89 7.97 8.76 -0.41
N PRO A 90 9.30 8.61 -0.47
CA PRO A 90 10.11 9.34 -1.44
C PRO A 90 10.36 8.50 -2.68
N TRP A 91 9.65 7.38 -2.79
CA TRP A 91 9.98 6.35 -3.77
C TRP A 91 9.16 6.50 -5.03
#